data_6MNJ
#
_entry.id   6MNJ
#
_cell.length_a   119.670
_cell.length_b   145.395
_cell.length_c   150.290
_cell.angle_alpha   90.000
_cell.angle_beta   90.000
_cell.angle_gamma   90.000
#
_symmetry.space_group_name_H-M   'I 2 2 2'
#
loop_
_entity.id
_entity.type
_entity.pdbx_description
1 polymer Hz136
2 water water
#
_entity_poly.entity_id   1
_entity_poly.type   'polypeptide(L)'
_entity_poly.pdbx_seq_one_letter_code
;MMKRTFWLIALSLLSLTLSASDSLRIHNPQIPILLDRMDNVLFLIRVPDAVQGNVLESLTVEFGPDTDLNSIAELRLFYS
GTEAVRRQGLRFSPVEYISAHNVWNTRSANPSYSVMQEQASKIGRKVVLHSRQPMVGGINYYWVSVRMNPDASLLTELRA
RVSEVVVNGKKIPVACDSREVVRRMGYGVRHAGDDHSMAYRIPGLVTTNSGSLIGTYDVRWNSSVDLQERIDIGVSRSTD
KGQTWEPMRIAMSFADIDGLPSGQNGVGDPAVLVDEKTGTIWVMAAWTHGMGNGRAWTNSMPGMEPMETPQLMLARSDDD
GRTWSEPINITKQVKDPSWCFLLQGPGRGITMRDGTLVFAIQFIDKDRMPHAGIIFSKDHGETWHIHNPARSNTTEAQVA
EVEPGVLMLNMRDNRGGARAVMTTRDLGRTWTEHVSHRTTLREPVCMASLIAVPAEKNVLGKDLLLFSNPDTTDGRRDIT
IKASLDGGVTWPYSLLLDEGDSWGYSCLTMIDSQTVGILYESSVAHITFQAAKLKAIVKHHHHHHHHHH
;
_entity_poly.pdbx_strand_id   A,B
#
# COMPACT_ATOMS: atom_id res chain seq x y z
N LEU A 24 -28.75 19.74 9.26
CA LEU A 24 -27.92 19.72 8.06
C LEU A 24 -26.70 20.63 8.25
N ARG A 25 -25.52 20.08 8.01
CA ARG A 25 -24.27 20.79 8.21
C ARG A 25 -23.43 20.80 6.94
N ILE A 26 -22.61 21.84 6.81
CA ILE A 26 -21.76 22.04 5.64
C ILE A 26 -20.38 22.46 6.12
N HIS A 27 -19.36 21.75 5.68
CA HIS A 27 -17.97 22.02 6.07
C HIS A 27 -17.16 22.42 4.85
N ASN A 28 -16.49 23.56 4.94
CA ASN A 28 -15.58 24.01 3.90
C ASN A 28 -14.15 23.70 4.35
N PRO A 29 -13.51 22.66 3.83
CA PRO A 29 -12.21 22.24 4.39
C PRO A 29 -11.08 23.15 3.94
N GLN A 30 -10.30 23.63 4.89
CA GLN A 30 -9.14 24.48 4.60
C GLN A 30 -8.01 23.57 4.10
N ILE A 31 -8.12 23.19 2.83
CA ILE A 31 -7.06 22.43 2.18
C ILE A 31 -6.80 23.04 0.80
N PRO A 32 -5.60 22.85 0.26
CA PRO A 32 -5.26 23.50 -1.01
C PRO A 32 -6.12 23.00 -2.18
N ILE A 33 -6.57 23.94 -2.99
CA ILE A 33 -7.23 23.64 -4.26
C ILE A 33 -6.14 23.57 -5.32
N LEU A 34 -5.89 22.37 -5.86
CA LEU A 34 -4.77 22.16 -6.77
C LEU A 34 -5.16 22.51 -8.19
N LEU A 35 -4.34 23.33 -8.85
CA LEU A 35 -4.58 23.69 -10.24
C LEU A 35 -4.51 22.47 -11.14
N ASP A 36 -3.66 21.50 -10.81
CA ASP A 36 -3.44 20.34 -11.66
C ASP A 36 -4.34 19.16 -11.31
N ARG A 37 -5.39 19.38 -10.52
CA ARG A 37 -6.36 18.35 -10.20
C ARG A 37 -7.65 18.58 -10.98
N MET A 38 -8.34 17.47 -11.29
CA MET A 38 -9.65 17.55 -11.92
C MET A 38 -10.79 17.64 -10.91
N ASP A 39 -10.55 17.25 -9.66
CA ASP A 39 -11.52 17.40 -8.59
C ASP A 39 -10.83 17.97 -7.35
N ASN A 40 -11.56 18.81 -6.63
CA ASN A 40 -11.09 19.33 -5.35
C ASN A 40 -12.30 19.53 -4.45
N VAL A 41 -12.19 19.08 -3.20
CA VAL A 41 -13.31 19.17 -2.27
C VAL A 41 -13.52 20.65 -1.94
N LEU A 42 -14.66 21.20 -2.36
CA LEU A 42 -15.03 22.55 -1.97
C LEU A 42 -15.95 22.56 -0.75
N PHE A 43 -17.01 21.76 -0.78
CA PHE A 43 -17.92 21.64 0.34
C PHE A 43 -18.17 20.17 0.66
N LEU A 44 -18.17 19.85 1.95
CA LEU A 44 -18.62 18.55 2.45
C LEU A 44 -19.97 18.75 3.12
N ILE A 45 -20.94 17.92 2.76
CA ILE A 45 -22.32 18.07 3.20
C ILE A 45 -22.76 16.78 3.87
N ARG A 46 -23.17 16.88 5.13
CA ARG A 46 -23.71 15.76 5.88
C ARG A 46 -25.19 16.04 6.16
N VAL A 47 -26.05 15.11 5.75
CA VAL A 47 -27.48 15.18 6.05
C VAL A 47 -27.76 14.19 7.18
N PRO A 48 -27.98 14.65 8.42
CA PRO A 48 -27.91 13.73 9.57
C PRO A 48 -28.98 12.66 9.59
N ASP A 49 -30.27 13.05 9.53
CA ASP A 49 -31.38 12.10 9.68
C ASP A 49 -32.40 12.39 8.58
N ALA A 50 -32.13 11.88 7.39
CA ALA A 50 -33.02 12.08 6.26
C ALA A 50 -34.18 11.09 6.30
N VAL A 51 -35.31 11.52 5.74
CA VAL A 51 -36.45 10.63 5.55
C VAL A 51 -36.22 9.83 4.28
N GLN A 52 -36.38 8.50 4.39
CA GLN A 52 -36.13 7.64 3.24
C GLN A 52 -36.99 8.06 2.05
N GLY A 53 -36.33 8.31 0.92
CA GLY A 53 -36.99 8.71 -0.29
C GLY A 53 -36.98 10.20 -0.57
N ASN A 54 -36.76 11.02 0.45
CA ASN A 54 -36.68 12.47 0.25
C ASN A 54 -35.51 12.81 -0.65
N VAL A 55 -35.73 13.74 -1.59
CA VAL A 55 -34.73 14.10 -2.58
C VAL A 55 -34.10 15.44 -2.18
N LEU A 56 -32.77 15.47 -2.15
CA LEU A 56 -32.00 16.70 -2.10
C LEU A 56 -32.01 17.26 -3.52
N GLU A 57 -33.02 18.10 -3.81
CA GLU A 57 -33.31 18.43 -5.20
C GLU A 57 -32.31 19.41 -5.80
N SER A 58 -31.88 20.41 -5.04
CA SER A 58 -30.98 21.41 -5.58
C SER A 58 -30.07 21.95 -4.48
N LEU A 59 -28.97 22.56 -4.91
CA LEU A 59 -27.98 23.11 -4.02
C LEU A 59 -27.27 24.26 -4.74
N THR A 60 -27.24 25.43 -4.11
CA THR A 60 -26.70 26.64 -4.71
C THR A 60 -25.45 27.07 -3.96
N VAL A 61 -24.35 27.26 -4.71
CA VAL A 61 -23.11 27.80 -4.17
C VAL A 61 -22.96 29.21 -4.72
N GLU A 62 -22.66 30.16 -3.83
CA GLU A 62 -22.54 31.57 -4.19
C GLU A 62 -21.11 32.02 -3.93
N PHE A 63 -20.46 32.53 -4.97
CA PHE A 63 -19.10 33.02 -4.86
C PHE A 63 -19.09 34.47 -4.40
N GLY A 64 -18.03 34.83 -3.67
CA GLY A 64 -17.87 36.18 -3.19
C GLY A 64 -17.77 37.18 -4.32
N PRO A 65 -17.97 38.47 -4.01
CA PRO A 65 -17.93 39.49 -5.07
C PRO A 65 -16.56 39.64 -5.72
N ASP A 66 -15.48 39.47 -4.97
CA ASP A 66 -14.14 39.65 -5.50
C ASP A 66 -13.59 38.39 -6.17
N THR A 67 -14.33 37.30 -6.17
CA THR A 67 -13.87 36.06 -6.77
C THR A 67 -13.85 36.17 -8.29
N ASP A 68 -12.71 35.84 -8.89
CA ASP A 68 -12.58 35.83 -10.34
C ASP A 68 -13.20 34.55 -10.87
N LEU A 69 -14.39 34.67 -11.48
CA LEU A 69 -15.09 33.49 -12.00
C LEU A 69 -14.37 32.90 -13.21
N ASN A 70 -13.61 33.72 -13.94
CA ASN A 70 -12.83 33.21 -15.07
C ASN A 70 -11.79 32.20 -14.63
N SER A 71 -11.40 32.19 -13.36
CA SER A 71 -10.42 31.23 -12.87
C SER A 71 -10.99 29.85 -12.66
N ILE A 72 -12.32 29.72 -12.57
CA ILE A 72 -12.97 28.46 -12.24
C ILE A 72 -13.41 27.78 -13.54
N ALA A 73 -13.01 26.53 -13.71
CA ALA A 73 -13.35 25.77 -14.90
C ALA A 73 -14.64 24.98 -14.73
N GLU A 74 -14.81 24.29 -13.60
CA GLU A 74 -15.94 23.38 -13.44
C GLU A 74 -16.38 23.33 -11.99
N LEU A 75 -17.64 22.94 -11.83
CA LEU A 75 -18.28 22.74 -10.53
C LEU A 75 -19.20 21.54 -10.68
N ARG A 76 -19.04 20.53 -9.82
CA ARG A 76 -19.88 19.35 -9.90
C ARG A 76 -20.33 18.90 -8.52
N LEU A 77 -21.59 18.47 -8.45
CA LEU A 77 -22.17 17.92 -7.23
C LEU A 77 -22.04 16.41 -7.23
N PHE A 78 -21.63 15.87 -6.08
CA PHE A 78 -21.46 14.43 -5.91
C PHE A 78 -22.37 13.93 -4.81
N TYR A 79 -22.94 12.75 -5.00
CA TYR A 79 -23.64 12.02 -3.95
C TYR A 79 -22.76 10.85 -3.54
N SER A 80 -22.22 10.92 -2.32
CA SER A 80 -21.64 9.75 -1.69
C SER A 80 -22.76 9.02 -0.95
N GLY A 81 -22.43 7.89 -0.33
CA GLY A 81 -23.48 7.05 0.21
C GLY A 81 -23.96 7.46 1.59
N THR A 82 -24.14 6.47 2.47
CA THR A 82 -24.51 6.69 3.85
C THR A 82 -23.29 6.45 4.73
N GLU A 83 -23.50 5.99 5.95
CA GLU A 83 -22.42 5.84 6.91
C GLU A 83 -22.51 4.50 7.62
N ALA A 84 -21.38 4.02 8.10
CA ALA A 84 -21.34 2.83 8.93
C ALA A 84 -22.00 3.11 10.27
N VAL A 85 -22.76 2.14 10.76
CA VAL A 85 -23.59 2.37 11.94
C VAL A 85 -22.76 2.63 13.19
N ARG A 86 -21.58 2.00 13.31
CA ARG A 86 -20.77 2.16 14.52
C ARG A 86 -19.71 3.24 14.41
N ARG A 87 -19.67 3.99 13.31
CA ARG A 87 -18.69 5.06 13.18
C ARG A 87 -19.00 6.15 14.19
N GLN A 88 -18.05 6.43 15.07
CA GLN A 88 -18.25 7.37 16.17
C GLN A 88 -17.99 8.80 15.71
N GLY A 89 -18.96 9.66 15.92
CA GLY A 89 -18.76 11.09 15.88
C GLY A 89 -19.38 11.74 14.66
N LEU A 90 -19.41 13.07 14.70
CA LEU A 90 -19.82 13.89 13.58
C LEU A 90 -18.81 13.78 12.45
N ARG A 91 -19.23 13.27 11.31
CA ARG A 91 -18.36 13.07 10.15
C ARG A 91 -18.97 13.73 8.93
N PHE A 92 -18.12 14.32 8.09
CA PHE A 92 -18.55 14.98 6.87
C PHE A 92 -18.29 14.15 5.62
N SER A 93 -17.80 12.93 5.76
CA SER A 93 -17.59 12.04 4.63
C SER A 93 -17.39 10.63 5.16
N PRO A 94 -17.75 9.60 4.37
CA PRO A 94 -17.50 8.22 4.80
C PRO A 94 -16.11 7.72 4.45
N VAL A 95 -15.38 8.45 3.60
CA VAL A 95 -14.12 7.98 3.06
C VAL A 95 -13.43 9.16 2.38
N GLU A 96 -12.13 9.04 2.14
CA GLU A 96 -11.41 10.06 1.39
C GLU A 96 -11.84 10.02 -0.06
N TYR A 97 -12.39 11.13 -0.56
CA TYR A 97 -12.96 11.15 -1.91
C TYR A 97 -11.87 11.20 -2.98
N ILE A 98 -10.82 11.97 -2.74
CA ILE A 98 -9.75 12.17 -3.71
C ILE A 98 -8.45 11.77 -3.02
N SER A 99 -7.81 10.72 -3.53
CA SER A 99 -6.67 10.14 -2.85
C SER A 99 -5.39 10.91 -3.18
N ALA A 100 -4.48 10.96 -2.21
CA ALA A 100 -3.14 11.49 -2.41
C ALA A 100 -2.09 10.38 -2.44
N HIS A 101 -2.52 9.11 -2.41
CA HIS A 101 -1.60 7.98 -2.38
C HIS A 101 -1.90 6.91 -3.42
N ASN A 102 -3.10 6.88 -4.00
CA ASN A 102 -3.43 5.88 -5.01
C ASN A 102 -2.68 6.20 -6.30
N VAL A 103 -1.65 5.41 -6.60
CA VAL A 103 -0.79 5.66 -7.75
C VAL A 103 -1.52 5.53 -9.08
N TRP A 104 -2.76 5.04 -9.07
CA TRP A 104 -3.56 4.97 -10.28
C TRP A 104 -4.41 6.21 -10.51
N ASN A 105 -4.67 7.00 -9.47
CA ASN A 105 -5.49 8.19 -9.59
C ASN A 105 -5.38 9.07 -8.35
N THR A 106 -4.58 10.13 -8.42
CA THR A 106 -4.50 11.13 -7.36
C THR A 106 -5.05 12.48 -7.79
N ARG A 107 -5.72 12.54 -8.95
CA ARG A 107 -6.12 13.81 -9.55
C ARG A 107 -7.62 14.00 -9.70
N SER A 108 -8.41 12.92 -9.63
CA SER A 108 -9.86 13.02 -9.74
C SER A 108 -10.50 12.22 -8.62
N ALA A 109 -11.80 12.46 -8.41
CA ALA A 109 -12.54 11.72 -7.41
C ALA A 109 -12.64 10.25 -7.80
N ASN A 110 -12.47 9.38 -6.81
CA ASN A 110 -12.67 7.95 -7.04
C ASN A 110 -14.13 7.72 -7.40
N PRO A 111 -14.45 7.27 -8.62
CA PRO A 111 -15.86 7.11 -8.98
C PRO A 111 -16.60 6.08 -8.13
N SER A 112 -15.88 5.17 -7.47
CA SER A 112 -16.54 4.17 -6.64
C SER A 112 -16.97 4.71 -5.29
N TYR A 113 -16.55 5.92 -4.91
CA TYR A 113 -16.98 6.54 -3.67
C TYR A 113 -17.93 7.70 -3.88
N SER A 114 -17.98 8.28 -5.08
CA SER A 114 -18.79 9.46 -5.35
C SER A 114 -19.49 9.31 -6.69
N VAL A 115 -20.80 9.56 -6.71
CA VAL A 115 -21.62 9.47 -7.90
C VAL A 115 -21.94 10.89 -8.34
N MET A 116 -21.54 11.25 -9.55
CA MET A 116 -21.77 12.60 -10.05
C MET A 116 -23.25 12.80 -10.34
N GLN A 117 -23.81 13.88 -9.78
CA GLN A 117 -25.21 14.22 -9.94
C GLN A 117 -25.44 15.29 -11.00
N GLU A 118 -24.63 16.33 -11.01
CA GLU A 118 -24.63 17.32 -12.08
C GLU A 118 -23.31 18.08 -12.03
N GLN A 119 -22.85 18.51 -13.20
CA GLN A 119 -21.65 19.32 -13.32
C GLN A 119 -21.95 20.53 -14.20
N ALA A 120 -21.41 21.68 -13.81
CA ALA A 120 -21.62 22.93 -14.51
C ALA A 120 -20.29 23.50 -14.96
N SER A 121 -20.23 23.97 -16.21
CA SER A 121 -19.05 24.64 -16.74
C SER A 121 -19.25 26.13 -16.93
N LYS A 122 -20.50 26.61 -16.90
CA LYS A 122 -20.80 28.04 -16.96
C LYS A 122 -20.90 28.55 -15.53
N ILE A 123 -19.86 29.22 -15.06
CA ILE A 123 -19.71 29.59 -13.66
C ILE A 123 -20.11 31.06 -13.52
N GLY A 124 -21.35 31.29 -13.10
CA GLY A 124 -21.78 32.62 -12.73
C GLY A 124 -21.50 32.91 -11.27
N ARG A 125 -21.92 34.10 -10.83
CA ARG A 125 -21.79 34.45 -9.42
C ARG A 125 -22.52 33.46 -8.54
N LYS A 126 -23.58 32.84 -9.06
CA LYS A 126 -24.31 31.79 -8.36
C LYS A 126 -24.51 30.61 -9.31
N VAL A 127 -24.35 29.41 -8.78
CA VAL A 127 -24.44 28.17 -9.56
C VAL A 127 -25.34 27.20 -8.83
N VAL A 128 -26.39 26.73 -9.51
CA VAL A 128 -27.36 25.81 -8.93
C VAL A 128 -27.07 24.41 -9.45
N LEU A 129 -27.01 23.44 -8.54
CA LEU A 129 -26.72 22.05 -8.86
C LEU A 129 -27.86 21.16 -8.39
N HIS A 130 -28.22 20.18 -9.22
CA HIS A 130 -29.37 19.33 -8.99
C HIS A 130 -28.94 17.87 -8.85
N SER A 131 -29.81 17.06 -8.25
CA SER A 131 -29.43 15.69 -7.88
C SER A 131 -30.41 14.62 -8.36
N ARG A 132 -31.64 14.61 -7.83
CA ARG A 132 -32.69 13.63 -8.09
C ARG A 132 -32.52 12.34 -7.27
N GLN A 133 -31.46 12.19 -6.48
CA GLN A 133 -31.19 10.92 -5.82
C GLN A 133 -32.21 10.67 -4.70
N PRO A 134 -32.82 9.48 -4.64
CA PRO A 134 -33.88 9.26 -3.63
C PRO A 134 -33.45 9.46 -2.18
N MET A 135 -32.25 9.03 -1.79
CA MET A 135 -31.71 9.30 -0.46
C MET A 135 -32.09 8.23 0.55
N VAL A 136 -31.14 7.86 1.42
CA VAL A 136 -31.31 6.80 2.40
C VAL A 136 -31.79 7.40 3.72
N GLY A 137 -32.56 6.62 4.47
CA GLY A 137 -32.96 7.01 5.81
C GLY A 137 -31.75 7.11 6.71
N GLY A 138 -31.55 8.27 7.33
CA GLY A 138 -30.39 8.50 8.17
C GLY A 138 -29.34 9.37 7.49
N ILE A 139 -28.08 9.02 7.66
CA ILE A 139 -26.98 9.86 7.21
C ILE A 139 -26.84 9.73 5.70
N ASN A 140 -26.76 10.86 5.00
CA ASN A 140 -26.45 10.92 3.58
C ASN A 140 -25.35 11.95 3.37
N TYR A 141 -24.42 11.62 2.48
CA TYR A 141 -23.26 12.46 2.21
C TYR A 141 -23.33 13.01 0.79
N TYR A 142 -23.16 14.33 0.68
CA TYR A 142 -22.99 15.01 -0.59
C TYR A 142 -21.72 15.85 -0.51
N TRP A 143 -21.21 16.25 -1.67
CA TRP A 143 -20.10 17.19 -1.68
C TRP A 143 -19.97 17.83 -3.04
N VAL A 144 -19.40 19.04 -3.05
CA VAL A 144 -19.25 19.86 -4.25
C VAL A 144 -17.78 19.94 -4.59
N SER A 145 -17.45 19.63 -5.84
CA SER A 145 -16.08 19.69 -6.32
C SER A 145 -15.89 20.91 -7.21
N VAL A 146 -14.70 21.50 -7.15
CA VAL A 146 -14.35 22.65 -7.96
C VAL A 146 -13.07 22.32 -8.72
N ARG A 147 -13.09 22.55 -10.03
CA ARG A 147 -11.90 22.44 -10.86
C ARG A 147 -11.54 23.84 -11.35
N MET A 148 -10.28 24.20 -11.20
CA MET A 148 -9.80 25.50 -11.64
C MET A 148 -9.22 25.39 -13.05
N ASN A 149 -9.16 26.53 -13.72
CA ASN A 149 -8.40 26.59 -14.96
C ASN A 149 -6.92 26.38 -14.63
N PRO A 150 -6.21 25.53 -15.37
CA PRO A 150 -4.83 25.21 -14.98
C PRO A 150 -3.91 26.41 -14.92
N ASP A 151 -4.29 27.54 -15.53
CA ASP A 151 -3.47 28.74 -15.54
C ASP A 151 -3.93 29.80 -14.54
N ALA A 152 -4.88 29.46 -13.68
CA ALA A 152 -5.33 30.41 -12.67
C ALA A 152 -4.17 30.82 -11.78
N SER A 153 -4.24 32.05 -11.27
CA SER A 153 -3.19 32.55 -10.39
C SER A 153 -3.13 31.73 -9.11
N LEU A 154 -1.91 31.31 -8.74
CA LEU A 154 -1.73 30.61 -7.48
C LEU A 154 -2.05 31.50 -6.27
N LEU A 155 -2.19 32.80 -6.48
CA LEU A 155 -2.58 33.73 -5.42
C LEU A 155 -4.08 33.95 -5.37
N THR A 156 -4.86 33.20 -6.16
CA THR A 156 -6.30 33.33 -6.15
C THR A 156 -6.86 32.97 -4.77
N GLU A 157 -7.70 33.86 -4.24
CA GLU A 157 -8.45 33.59 -3.01
C GLU A 157 -9.90 33.37 -3.40
N LEU A 158 -10.48 32.25 -2.94
CA LEU A 158 -11.78 31.78 -3.40
C LEU A 158 -12.73 31.73 -2.21
N ARG A 159 -13.70 32.65 -2.18
CA ARG A 159 -14.70 32.71 -1.13
C ARG A 159 -16.02 32.22 -1.68
N ALA A 160 -16.56 31.17 -1.07
CA ALA A 160 -17.82 30.59 -1.52
C ALA A 160 -18.59 30.09 -0.31
N ARG A 161 -19.90 29.93 -0.50
CA ARG A 161 -20.78 29.43 0.53
C ARG A 161 -21.99 28.81 -0.14
N VAL A 162 -22.63 27.88 0.57
CA VAL A 162 -23.88 27.29 0.09
C VAL A 162 -25.02 28.22 0.51
N SER A 163 -25.57 28.96 -0.45
CA SER A 163 -26.58 29.96 -0.14
C SER A 163 -27.95 29.35 0.11
N GLU A 164 -28.23 28.18 -0.45
CA GLU A 164 -29.48 27.50 -0.18
C GLU A 164 -29.37 26.03 -0.53
N VAL A 165 -30.24 25.24 0.09
CA VAL A 165 -30.37 23.82 -0.22
C VAL A 165 -31.87 23.50 -0.22
N VAL A 166 -32.31 22.73 -1.21
CA VAL A 166 -33.71 22.40 -1.38
C VAL A 166 -33.86 20.88 -1.23
N VAL A 167 -34.67 20.46 -0.25
CA VAL A 167 -34.91 19.05 0.02
C VAL A 167 -36.42 18.85 0.03
N ASN A 168 -36.92 18.08 -0.92
CA ASN A 168 -38.35 17.76 -1.00
C ASN A 168 -39.19 19.04 -1.00
N GLY A 169 -38.79 20.00 -1.83
CA GLY A 169 -39.52 21.23 -2.02
C GLY A 169 -39.31 22.30 -0.97
N LYS A 170 -38.55 22.01 0.08
CA LYS A 170 -38.34 22.95 1.18
C LYS A 170 -36.91 23.48 1.17
N LYS A 171 -36.74 24.71 1.66
CA LYS A 171 -35.45 25.41 1.66
C LYS A 171 -34.75 25.28 3.00
N ILE A 172 -34.65 24.06 3.53
CA ILE A 172 -34.11 23.78 4.86
C ILE A 172 -32.91 24.69 5.14
N PRO A 173 -32.69 25.12 6.39
CA PRO A 173 -31.59 26.06 6.65
C PRO A 173 -30.23 25.40 6.48
N VAL A 174 -29.25 26.23 6.11
CA VAL A 174 -27.88 25.77 5.90
C VAL A 174 -26.99 26.13 7.09
N ALA A 175 -27.24 27.27 7.72
CA ALA A 175 -26.48 27.71 8.89
C ALA A 175 -25.11 28.23 8.49
N GLU A 180 -16.48 31.91 7.95
CA GLU A 180 -15.83 32.41 6.74
C GLU A 180 -14.56 31.62 6.48
N VAL A 181 -14.51 30.93 5.34
CA VAL A 181 -13.35 30.14 4.94
C VAL A 181 -12.83 30.70 3.62
N VAL A 182 -11.57 31.10 3.60
CA VAL A 182 -10.91 31.59 2.40
C VAL A 182 -10.04 30.47 1.86
N ARG A 183 -10.40 29.93 0.70
CA ARG A 183 -9.66 28.84 0.10
C ARG A 183 -8.54 29.39 -0.78
N ARG A 184 -7.43 28.64 -0.81
CA ARG A 184 -6.25 29.05 -1.56
C ARG A 184 -5.83 27.95 -2.50
N MET A 185 -5.14 28.34 -3.57
CA MET A 185 -4.72 27.41 -4.59
C MET A 185 -3.40 26.75 -4.20
N GLY A 186 -3.03 25.72 -4.97
CA GLY A 186 -1.75 25.08 -4.84
C GLY A 186 -1.43 24.36 -6.14
N TYR A 187 -0.24 23.77 -6.18
CA TYR A 187 0.16 22.96 -7.32
C TYR A 187 0.84 21.70 -6.81
N GLY A 188 0.37 20.54 -7.27
CA GLY A 188 0.95 19.28 -6.89
C GLY A 188 2.23 19.00 -7.66
N VAL A 189 3.34 19.53 -7.17
CA VAL A 189 4.63 19.36 -7.86
C VAL A 189 4.93 17.89 -8.07
N ARG A 190 4.60 17.05 -7.08
CA ARG A 190 4.80 15.61 -7.19
C ARG A 190 3.62 14.89 -6.56
N HIS A 191 3.00 14.01 -7.33
CA HIS A 191 1.97 13.11 -6.84
C HIS A 191 2.54 11.71 -6.66
N ALA A 192 1.90 10.94 -5.79
CA ALA A 192 2.21 9.52 -5.68
C ALA A 192 2.03 8.86 -7.04
N GLY A 193 3.05 8.13 -7.48
CA GLY A 193 3.02 7.44 -8.74
C GLY A 193 3.59 8.22 -9.92
N ASP A 194 3.78 9.54 -9.77
CA ASP A 194 4.38 10.32 -10.84
C ASP A 194 5.70 9.70 -11.27
N ASP A 195 5.89 9.59 -12.58
CA ASP A 195 7.12 9.05 -13.15
C ASP A 195 7.48 7.69 -12.55
N HIS A 196 6.44 6.92 -12.20
CA HIS A 196 6.60 5.54 -11.73
C HIS A 196 7.42 5.46 -10.45
N SER A 197 7.23 6.46 -9.58
CA SER A 197 7.76 6.42 -8.22
C SER A 197 6.59 6.34 -7.25
N MET A 198 6.66 5.39 -6.32
CA MET A 198 5.54 5.19 -5.41
C MET A 198 5.31 6.41 -4.52
N ALA A 199 6.37 7.11 -4.14
CA ALA A 199 6.24 8.20 -3.18
C ALA A 199 7.33 9.24 -3.38
N TYR A 200 7.04 10.44 -2.87
CA TYR A 200 7.98 11.55 -2.85
C TYR A 200 7.90 12.21 -1.48
N ARG A 201 9.06 12.59 -0.92
CA ARG A 201 9.08 13.12 0.44
C ARG A 201 10.23 14.09 0.63
N ILE A 202 10.22 14.74 1.79
CA ILE A 202 11.29 15.60 2.29
C ILE A 202 11.51 16.78 1.36
N PRO A 203 10.60 17.77 1.37
CA PRO A 203 10.73 18.88 0.43
C PRO A 203 11.71 19.95 0.89
N GLY A 204 12.42 20.51 -0.07
CA GLY A 204 13.21 21.70 0.16
C GLY A 204 12.99 22.68 -0.97
N LEU A 205 13.08 23.96 -0.63
CA LEU A 205 12.70 25.02 -1.57
C LEU A 205 13.60 26.22 -1.38
N VAL A 206 14.10 26.76 -2.49
CA VAL A 206 14.91 27.97 -2.48
C VAL A 206 14.61 28.76 -3.76
N THR A 207 15.07 30.01 -3.77
CA THR A 207 14.93 30.90 -4.91
C THR A 207 16.32 31.23 -5.43
N THR A 208 16.54 31.03 -6.72
CA THR A 208 17.83 31.31 -7.30
C THR A 208 18.01 32.82 -7.49
N ASN A 209 19.23 33.22 -7.87
CA ASN A 209 19.50 34.63 -8.10
C ASN A 209 18.71 35.19 -9.27
N SER A 210 18.27 34.33 -10.19
CA SER A 210 17.49 34.77 -11.34
C SER A 210 15.99 34.73 -11.10
N GLY A 211 15.56 34.36 -9.89
CA GLY A 211 14.14 34.30 -9.57
C GLY A 211 13.51 32.94 -9.76
N SER A 212 14.26 31.94 -10.19
CA SER A 212 13.70 30.61 -10.36
C SER A 212 13.53 29.93 -9.01
N LEU A 213 12.54 29.04 -8.93
CA LEU A 213 12.28 28.24 -7.74
C LEU A 213 12.85 26.85 -7.94
N ILE A 214 13.59 26.36 -6.96
CA ILE A 214 14.16 25.01 -6.99
C ILE A 214 13.50 24.20 -5.88
N GLY A 215 12.75 23.18 -6.28
CA GLY A 215 12.15 22.24 -5.34
C GLY A 215 12.92 20.94 -5.35
N THR A 216 13.29 20.48 -4.15
CA THR A 216 14.10 19.28 -3.97
C THR A 216 13.36 18.32 -3.07
N TYR A 217 13.62 17.02 -3.23
CA TYR A 217 12.84 16.03 -2.51
C TYR A 217 13.42 14.64 -2.72
N ASP A 218 13.02 13.73 -1.82
CA ASP A 218 13.27 12.31 -2.00
C ASP A 218 12.40 11.76 -3.13
N VAL A 219 13.00 10.91 -3.96
CA VAL A 219 12.25 10.10 -4.91
C VAL A 219 12.27 8.67 -4.35
N ARG A 220 11.19 8.29 -3.65
CA ARG A 220 11.12 7.00 -2.98
C ARG A 220 10.38 6.03 -3.91
N TRP A 221 11.15 5.25 -4.66
CA TRP A 221 10.63 4.53 -5.82
C TRP A 221 9.71 3.38 -5.40
N ASN A 222 10.18 2.54 -4.48
CA ASN A 222 9.47 1.31 -4.17
C ASN A 222 8.39 1.48 -3.11
N SER A 223 8.52 2.48 -2.24
CA SER A 223 7.56 2.72 -1.18
C SER A 223 7.93 4.02 -0.46
N SER A 224 7.14 4.39 0.56
CA SER A 224 7.39 5.60 1.32
C SER A 224 8.34 5.39 2.49
N VAL A 225 8.99 4.22 2.57
CA VAL A 225 9.83 3.90 3.72
C VAL A 225 11.14 4.66 3.63
N ASP A 226 11.72 4.94 4.80
CA ASP A 226 12.98 5.66 4.87
C ASP A 226 14.14 4.78 4.39
N LEU A 227 15.31 5.41 4.22
CA LEU A 227 16.53 4.67 3.96
C LEU A 227 16.71 3.56 4.99
N GLN A 228 17.27 2.43 4.58
CA GLN A 228 17.79 2.18 3.23
C GLN A 228 16.68 1.74 2.26
N GLU A 229 16.81 2.15 1.00
CA GLU A 229 15.93 1.75 -0.09
C GLU A 229 16.38 2.43 -1.37
N ARG A 230 15.72 2.16 -2.50
CA ARG A 230 16.03 2.84 -3.75
C ARG A 230 15.46 4.25 -3.67
N ILE A 231 16.31 5.22 -3.32
CA ILE A 231 15.90 6.61 -3.17
C ILE A 231 16.92 7.50 -3.85
N ASP A 232 16.45 8.41 -4.70
CA ASP A 232 17.27 9.41 -5.35
C ASP A 232 16.82 10.80 -4.92
N ILE A 233 17.65 11.79 -5.22
CA ILE A 233 17.32 13.19 -4.99
C ILE A 233 16.76 13.76 -6.28
N GLY A 234 15.51 14.23 -6.24
CA GLY A 234 14.88 14.81 -7.39
C GLY A 234 14.75 16.31 -7.29
N VAL A 235 14.65 16.98 -8.43
CA VAL A 235 14.58 18.44 -8.48
C VAL A 235 13.48 18.86 -9.43
N SER A 236 12.61 19.75 -8.96
CA SER A 236 11.61 20.40 -9.79
C SER A 236 11.93 21.89 -9.88
N ARG A 237 11.92 22.41 -11.11
CA ARG A 237 12.36 23.78 -11.39
C ARG A 237 11.20 24.57 -11.99
N SER A 238 10.95 25.75 -11.45
CA SER A 238 9.94 26.67 -11.97
C SER A 238 10.56 28.02 -12.21
N THR A 239 10.31 28.60 -13.38
CA THR A 239 10.77 29.94 -13.73
C THR A 239 9.65 30.97 -13.73
N ASP A 240 8.43 30.59 -13.37
CA ASP A 240 7.29 31.50 -13.37
C ASP A 240 6.61 31.50 -12.00
N LYS A 241 7.42 31.48 -10.94
CA LYS A 241 6.94 31.62 -9.57
C LYS A 241 5.96 30.52 -9.19
N GLY A 242 6.14 29.33 -9.75
CA GLY A 242 5.38 28.16 -9.35
C GLY A 242 4.16 27.85 -10.17
N GLN A 243 3.80 28.70 -11.13
CA GLN A 243 2.62 28.42 -11.97
C GLN A 243 2.82 27.15 -12.79
N THR A 244 4.06 26.89 -13.24
CA THR A 244 4.38 25.67 -13.95
C THR A 244 5.72 25.15 -13.44
N TRP A 245 5.89 23.84 -13.51
CA TRP A 245 7.09 23.17 -13.02
C TRP A 245 7.63 22.26 -14.11
N GLU A 246 8.93 22.36 -14.36
CA GLU A 246 9.55 21.57 -15.41
C GLU A 246 9.66 20.11 -14.97
N PRO A 247 9.76 19.19 -15.93
CA PRO A 247 9.84 17.77 -15.58
C PRO A 247 10.95 17.50 -14.57
N MET A 248 10.72 16.48 -13.74
CA MET A 248 11.65 16.17 -12.66
C MET A 248 13.03 15.82 -13.20
N ARG A 249 14.06 16.24 -12.48
CA ARG A 249 15.44 15.90 -12.77
C ARG A 249 16.02 15.14 -11.58
N ILE A 250 16.85 14.14 -11.86
CA ILE A 250 17.56 13.40 -10.83
C ILE A 250 18.88 14.11 -10.58
N ALA A 251 18.93 14.91 -9.50
CA ALA A 251 20.13 15.69 -9.20
C ALA A 251 21.23 14.86 -8.54
N MET A 252 20.88 13.73 -7.94
CA MET A 252 21.89 12.88 -7.30
C MET A 252 21.37 11.45 -7.24
N SER A 253 22.22 10.50 -7.59
CA SER A 253 21.88 9.09 -7.51
C SER A 253 23.15 8.26 -7.46
N PHE A 254 23.07 7.14 -6.74
CA PHE A 254 24.17 6.18 -6.63
C PHE A 254 23.69 4.79 -7.02
N ALA A 255 22.77 4.72 -7.98
CA ALA A 255 22.00 3.50 -8.24
C ALA A 255 22.87 2.25 -8.25
N ASP A 256 23.97 2.27 -9.01
CA ASP A 256 24.80 1.08 -9.22
C ASP A 256 26.28 1.43 -9.03
N ILE A 257 26.64 1.85 -7.82
CA ILE A 257 27.99 2.40 -7.61
C ILE A 257 29.03 1.29 -7.65
N ASP A 258 28.82 0.21 -6.91
CA ASP A 258 29.76 -0.91 -6.84
C ASP A 258 29.12 -2.21 -7.29
N GLY A 259 28.16 -2.13 -8.20
CA GLY A 259 27.38 -3.29 -8.58
C GLY A 259 26.37 -3.72 -7.54
N LEU A 260 26.24 -2.99 -6.44
CA LEU A 260 25.20 -3.30 -5.46
C LEU A 260 23.84 -2.89 -6.01
N PRO A 261 22.77 -3.53 -5.54
CA PRO A 261 21.43 -3.13 -6.00
C PRO A 261 21.17 -1.66 -5.68
N SER A 262 20.44 -0.99 -6.56
CA SER A 262 20.06 0.39 -6.32
C SER A 262 19.25 0.51 -5.02
N GLY A 263 18.53 -0.54 -4.65
CA GLY A 263 17.84 -0.56 -3.37
C GLY A 263 18.77 -0.52 -2.18
N GLN A 264 20.05 -0.81 -2.38
CA GLN A 264 21.07 -0.70 -1.34
C GLN A 264 22.05 0.42 -1.66
N ASN A 265 21.58 1.48 -2.31
CA ASN A 265 22.40 2.63 -2.67
C ASN A 265 21.58 3.90 -2.61
N GLY A 266 20.67 3.97 -1.64
CA GLY A 266 19.77 5.11 -1.56
C GLY A 266 20.46 6.37 -1.07
N VAL A 267 19.90 7.51 -1.46
CA VAL A 267 20.34 8.83 -1.00
C VAL A 267 19.08 9.64 -0.71
N GLY A 268 19.04 10.32 0.43
CA GLY A 268 17.81 10.96 0.84
C GLY A 268 18.02 12.08 1.83
N ASP A 269 16.90 12.61 2.32
CA ASP A 269 16.87 13.74 3.24
C ASP A 269 17.68 14.93 2.71
N PRO A 270 17.35 15.43 1.53
CA PRO A 270 18.17 16.48 0.91
C PRO A 270 17.93 17.86 1.52
N ALA A 271 18.99 18.67 1.46
CA ALA A 271 18.94 20.08 1.83
C ALA A 271 19.58 20.89 0.71
N VAL A 272 18.96 22.02 0.37
CA VAL A 272 19.38 22.81 -0.78
C VAL A 272 19.60 24.27 -0.36
N LEU A 273 20.57 24.91 -0.99
CA LEU A 273 20.86 26.31 -0.72
C LEU A 273 21.40 26.97 -2.00
N VAL A 274 21.31 28.30 -2.02
CA VAL A 274 21.85 29.12 -3.11
C VAL A 274 22.98 29.97 -2.55
N ASP A 275 24.11 30.00 -3.25
CA ASP A 275 25.30 30.68 -2.72
C ASP A 275 25.07 32.18 -2.59
N GLU A 276 24.40 32.79 -3.58
CA GLU A 276 24.01 34.20 -3.54
C GLU A 276 25.04 35.10 -4.20
N LYS A 277 26.33 34.82 -3.99
CA LYS A 277 27.38 35.53 -4.72
C LYS A 277 27.74 34.83 -6.02
N THR A 278 27.90 33.50 -5.98
CA THR A 278 28.25 32.74 -7.17
C THR A 278 27.04 32.32 -7.98
N GLY A 279 25.86 32.30 -7.38
CA GLY A 279 24.69 31.73 -8.02
C GLY A 279 24.62 30.23 -7.99
N THR A 280 25.62 29.55 -7.42
CA THR A 280 25.65 28.10 -7.41
C THR A 280 24.56 27.56 -6.48
N ILE A 281 23.87 26.51 -6.96
CA ILE A 281 22.90 25.77 -6.15
C ILE A 281 23.59 24.54 -5.61
N TRP A 282 23.49 24.32 -4.31
CA TRP A 282 24.09 23.17 -3.64
C TRP A 282 23.00 22.29 -3.05
N VAL A 283 23.13 20.98 -3.24
CA VAL A 283 22.26 19.99 -2.61
C VAL A 283 23.13 19.08 -1.77
N MET A 284 22.80 18.96 -0.49
CA MET A 284 23.49 18.08 0.45
C MET A 284 22.56 16.94 0.83
N ALA A 285 23.06 15.71 0.76
CA ALA A 285 22.23 14.53 1.00
C ALA A 285 23.09 13.43 1.60
N ALA A 286 22.42 12.46 2.20
CA ALA A 286 23.07 11.33 2.87
C ALA A 286 22.92 10.07 2.04
N TRP A 287 24.04 9.44 1.71
CA TRP A 287 24.09 8.25 0.88
C TRP A 287 24.38 7.04 1.75
N THR A 288 23.45 6.10 1.78
CA THR A 288 23.62 4.84 2.51
C THR A 288 24.00 3.74 1.53
N HIS A 289 25.02 2.96 1.88
CA HIS A 289 25.58 1.93 1.01
C HIS A 289 25.44 0.57 1.68
N GLY A 290 24.81 -0.37 0.99
CA GLY A 290 24.59 -1.70 1.56
C GLY A 290 23.40 -1.69 2.49
N MET A 291 23.57 -2.28 3.68
CA MET A 291 22.61 -2.16 4.76
C MET A 291 21.32 -2.96 4.51
N GLY A 292 21.35 -3.91 3.59
CA GLY A 292 20.17 -4.71 3.30
C GLY A 292 18.97 -3.86 3.00
N ASN A 293 17.83 -4.21 3.59
CA ASN A 293 16.61 -3.43 3.49
C ASN A 293 16.19 -2.85 4.83
N GLY A 294 17.16 -2.64 5.73
CA GLY A 294 16.88 -2.10 7.04
C GLY A 294 16.93 -0.58 7.08
N ARG A 295 16.48 -0.04 8.21
CA ARG A 295 16.42 1.41 8.38
C ARG A 295 17.79 1.95 8.77
N ALA A 296 18.21 3.03 8.11
CA ALA A 296 19.54 3.58 8.35
C ALA A 296 19.65 4.22 9.73
N TRP A 297 18.54 4.73 10.27
CA TRP A 297 18.62 5.43 11.54
C TRP A 297 19.10 4.52 12.66
N THR A 298 18.74 3.23 12.62
CA THR A 298 19.15 2.29 13.65
C THR A 298 20.29 1.38 13.22
N ASN A 299 20.50 1.19 11.92
CA ASN A 299 21.55 0.30 11.42
C ASN A 299 22.86 1.02 11.13
N SER A 300 22.85 2.35 11.05
CA SER A 300 24.08 3.08 10.78
C SER A 300 25.08 2.86 11.91
N MET A 301 26.33 2.65 11.55
CA MET A 301 27.41 2.34 12.48
C MET A 301 28.60 3.23 12.19
N PRO A 302 29.50 3.42 13.16
CA PRO A 302 30.60 4.37 12.98
C PRO A 302 31.62 3.87 11.95
N GLY A 303 32.57 4.76 11.65
CA GLY A 303 33.57 4.57 10.62
C GLY A 303 33.56 5.75 9.68
N MET A 304 34.28 5.61 8.56
CA MET A 304 34.40 6.68 7.57
C MET A 304 34.03 6.24 6.15
N GLU A 305 34.36 5.00 5.77
CA GLU A 305 34.18 4.58 4.39
C GLU A 305 32.70 4.37 4.06
N PRO A 306 32.35 4.35 2.78
CA PRO A 306 30.93 4.14 2.40
C PRO A 306 30.34 2.87 2.97
N MET A 307 31.07 1.75 2.93
CA MET A 307 30.53 0.49 3.45
C MET A 307 30.42 0.53 4.97
N GLU A 308 31.23 1.36 5.63
CA GLU A 308 31.21 1.44 7.09
C GLU A 308 30.03 2.26 7.59
N THR A 309 29.80 3.43 6.99
CA THR A 309 28.87 4.40 7.53
C THR A 309 28.30 5.24 6.38
N PRO A 310 27.11 5.80 6.54
CA PRO A 310 26.55 6.65 5.48
C PRO A 310 27.47 7.82 5.17
N GLN A 311 27.43 8.26 3.91
CA GLN A 311 28.32 9.29 3.41
C GLN A 311 27.58 10.60 3.22
N LEU A 312 28.26 11.71 3.52
CA LEU A 312 27.71 13.05 3.38
C LEU A 312 28.12 13.59 2.01
N MET A 313 27.13 13.77 1.12
CA MET A 313 27.38 14.03 -0.28
C MET A 313 26.84 15.39 -0.68
N LEU A 314 27.51 16.01 -1.66
CA LEU A 314 27.10 17.29 -2.22
C LEU A 314 26.98 17.17 -3.73
N ALA A 315 26.07 17.94 -4.30
CA ALA A 315 25.96 18.12 -5.74
C ALA A 315 25.63 19.57 -6.02
N ARG A 316 26.26 20.13 -7.05
CA ARG A 316 26.17 21.56 -7.34
C ARG A 316 25.61 21.78 -8.74
N SER A 317 24.87 22.87 -8.89
CA SER A 317 24.37 23.32 -10.18
C SER A 317 24.76 24.78 -10.38
N ASP A 318 25.39 25.07 -11.51
CA ASP A 318 25.83 26.42 -11.85
C ASP A 318 25.04 27.00 -13.01
N ASP A 319 23.97 26.35 -13.44
CA ASP A 319 23.11 26.83 -14.52
C ASP A 319 21.65 26.84 -14.07
N ASP A 320 21.41 27.38 -12.88
CA ASP A 320 20.07 27.65 -12.38
C ASP A 320 19.30 26.38 -12.04
N GLY A 321 20.00 25.28 -11.74
CA GLY A 321 19.35 24.04 -11.36
C GLY A 321 19.02 23.11 -12.52
N ARG A 322 19.37 23.47 -13.76
CA ARG A 322 19.04 22.63 -14.89
C ARG A 322 19.95 21.42 -14.99
N THR A 323 21.24 21.59 -14.69
CA THR A 323 22.22 20.52 -14.78
C THR A 323 22.94 20.37 -13.45
N TRP A 324 23.27 19.13 -13.10
CA TRP A 324 23.84 18.81 -11.80
C TRP A 324 25.15 18.06 -11.96
N SER A 325 26.09 18.34 -11.06
CA SER A 325 27.42 17.76 -11.11
C SER A 325 27.41 16.35 -10.54
N GLU A 326 28.52 15.65 -10.75
CA GLU A 326 28.72 14.38 -10.07
C GLU A 326 28.79 14.63 -8.56
N PRO A 327 28.42 13.64 -7.74
CA PRO A 327 28.43 13.84 -6.29
C PRO A 327 29.83 14.10 -5.76
N ILE A 328 29.92 15.02 -4.81
CA ILE A 328 31.16 15.32 -4.09
C ILE A 328 31.02 14.78 -2.68
N ASN A 329 31.97 13.93 -2.27
CA ASN A 329 31.92 13.29 -0.96
C ASN A 329 32.77 14.11 0.01
N ILE A 330 32.11 14.70 1.01
CA ILE A 330 32.78 15.51 2.02
C ILE A 330 32.81 14.83 3.38
N THR A 331 32.53 13.54 3.44
CA THR A 331 32.49 12.82 4.71
C THR A 331 33.78 13.04 5.50
N LYS A 332 34.92 12.78 4.88
CA LYS A 332 36.19 12.88 5.57
C LYS A 332 36.51 14.31 6.01
N GLN A 333 35.80 15.32 5.49
CA GLN A 333 36.08 16.69 5.88
C GLN A 333 35.53 17.02 7.26
N VAL A 334 34.42 16.40 7.67
CA VAL A 334 33.67 16.92 8.80
C VAL A 334 33.18 15.83 9.76
N LYS A 335 33.22 14.57 9.36
CA LYS A 335 32.65 13.51 10.19
C LYS A 335 33.66 13.03 11.22
N ASP A 336 33.23 13.02 12.49
CA ASP A 336 34.01 12.37 13.53
C ASP A 336 33.87 10.85 13.39
N PRO A 337 34.97 10.09 13.35
CA PRO A 337 34.83 8.64 13.13
C PRO A 337 33.95 7.92 14.13
N SER A 338 33.77 8.46 15.33
CA SER A 338 33.01 7.75 16.36
C SER A 338 31.51 7.89 16.21
N TRP A 339 31.02 8.79 15.36
CA TRP A 339 29.59 8.97 15.16
C TRP A 339 29.01 7.83 14.33
N CYS A 340 27.81 7.39 14.70
CA CYS A 340 27.14 6.35 13.94
C CYS A 340 26.58 6.88 12.62
N PHE A 341 26.22 8.16 12.58
CA PHE A 341 25.47 8.69 11.45
C PHE A 341 25.62 10.20 11.44
N LEU A 342 26.03 10.76 10.31
CA LEU A 342 26.09 12.20 10.09
C LEU A 342 25.31 12.53 8.84
N LEU A 343 24.33 13.42 8.96
CA LEU A 343 23.57 13.85 7.80
C LEU A 343 23.11 15.29 8.00
N GLN A 344 22.80 15.93 6.87
CA GLN A 344 22.24 17.27 6.86
C GLN A 344 20.86 17.29 7.51
N GLY A 345 20.47 18.48 7.97
CA GLY A 345 19.11 18.74 8.34
C GLY A 345 18.28 19.02 7.09
N PRO A 346 17.30 18.16 6.80
CA PRO A 346 16.60 18.27 5.52
C PRO A 346 15.89 19.61 5.38
N GLY A 347 15.73 20.05 4.14
CA GLY A 347 15.05 21.30 3.86
C GLY A 347 15.90 22.24 3.03
N ARG A 348 16.44 23.28 3.66
CA ARG A 348 17.25 24.25 2.92
C ARG A 348 18.37 24.79 3.80
N GLY A 349 19.33 25.43 3.14
CA GLY A 349 20.41 26.13 3.81
C GLY A 349 20.35 27.60 3.49
N ILE A 350 21.42 28.35 3.80
CA ILE A 350 21.41 29.80 3.66
C ILE A 350 22.80 30.28 3.27
N THR A 351 22.85 31.48 2.70
CA THR A 351 24.06 32.29 2.64
C THR A 351 23.97 33.38 3.69
N MET A 352 25.04 33.57 4.45
CA MET A 352 25.10 34.65 5.41
C MET A 352 25.56 35.93 4.74
N ARG A 353 25.30 37.06 5.40
CA ARG A 353 25.65 38.36 4.83
C ARG A 353 27.12 38.42 4.44
N ASP A 354 27.99 37.78 5.21
CA ASP A 354 29.42 37.79 4.92
C ASP A 354 29.83 36.70 3.93
N GLY A 355 28.87 35.99 3.34
CA GLY A 355 29.15 35.04 2.28
C GLY A 355 29.25 33.59 2.73
N THR A 356 29.27 33.33 4.04
CA THR A 356 29.35 31.96 4.51
C THR A 356 28.12 31.16 4.11
N LEU A 357 28.33 29.97 3.58
CA LEU A 357 27.24 29.03 3.32
C LEU A 357 27.07 28.14 4.54
N VAL A 358 25.81 27.91 4.93
CA VAL A 358 25.52 27.18 6.16
C VAL A 358 24.37 26.21 5.91
N PHE A 359 24.59 24.94 6.27
CA PHE A 359 23.53 23.95 6.38
C PHE A 359 23.36 23.55 7.84
N ALA A 360 22.14 23.14 8.18
CA ALA A 360 21.93 22.43 9.44
C ALA A 360 22.35 20.98 9.27
N ILE A 361 22.95 20.41 10.31
CA ILE A 361 23.34 19.01 10.30
C ILE A 361 22.94 18.36 11.62
N GLN A 362 22.93 17.03 11.59
CA GLN A 362 22.57 16.20 12.74
C GLN A 362 23.46 14.97 12.71
N PHE A 363 23.90 14.52 13.88
CA PHE A 363 24.73 13.33 13.94
C PHE A 363 24.35 12.47 15.14
N ILE A 364 24.37 11.15 14.92
CA ILE A 364 24.21 10.17 15.97
C ILE A 364 25.58 9.84 16.54
N ASP A 365 25.77 10.07 17.84
CA ASP A 365 27.09 9.88 18.44
C ASP A 365 27.31 8.40 18.76
N LYS A 366 28.44 8.11 19.39
CA LYS A 366 28.82 6.71 19.64
C LYS A 366 27.81 5.98 20.50
N ASP A 367 27.18 6.68 21.44
CA ASP A 367 26.17 6.09 22.32
C ASP A 367 24.78 6.14 21.70
N ARG A 368 24.67 6.44 20.42
CA ARG A 368 23.40 6.52 19.70
C ARG A 368 22.51 7.65 20.20
N MET A 369 23.13 8.74 20.68
CA MET A 369 22.41 9.95 21.06
C MET A 369 22.49 10.96 19.92
N PRO A 370 21.39 11.46 19.39
CA PRO A 370 21.46 12.41 18.29
C PRO A 370 21.63 13.86 18.74
N HIS A 371 22.37 14.61 17.93
CA HIS A 371 22.65 16.02 18.19
C HIS A 371 22.45 16.82 16.91
N ALA A 372 21.90 18.02 17.04
CA ALA A 372 21.79 18.95 15.93
C ALA A 372 22.90 19.99 15.99
N GLY A 373 23.30 20.46 14.81
CA GLY A 373 24.35 21.45 14.71
C GLY A 373 24.29 22.14 13.37
N ILE A 374 25.41 22.74 12.98
CA ILE A 374 25.51 23.40 11.69
C ILE A 374 26.85 23.08 11.04
N ILE A 375 26.84 22.98 9.72
CA ILE A 375 28.04 22.82 8.90
C ILE A 375 28.13 24.05 8.02
N PHE A 376 29.35 24.55 7.80
CA PHE A 376 29.52 25.81 7.08
C PHE A 376 30.74 25.76 6.19
N SER A 377 30.75 26.65 5.19
CA SER A 377 31.88 26.80 4.28
C SER A 377 32.15 28.28 4.07
N LYS A 378 33.41 28.68 4.23
CA LYS A 378 33.82 30.06 4.02
C LYS A 378 34.42 30.30 2.63
N ASP A 379 34.55 29.25 1.82
CA ASP A 379 35.17 29.36 0.49
C ASP A 379 34.21 28.87 -0.60
N HIS A 380 32.93 29.18 -0.43
CA HIS A 380 31.93 28.92 -1.48
C HIS A 380 31.78 27.43 -1.77
N GLY A 381 31.81 26.62 -0.72
CA GLY A 381 31.49 25.21 -0.83
C GLY A 381 32.67 24.29 -1.08
N GLU A 382 33.89 24.82 -1.21
CA GLU A 382 35.04 23.95 -1.48
C GLU A 382 35.44 23.17 -0.24
N THR A 383 35.33 23.77 0.94
CA THR A 383 35.67 23.10 2.19
C THR A 383 34.60 23.42 3.23
N TRP A 384 34.37 22.47 4.13
CA TRP A 384 33.31 22.56 5.12
C TRP A 384 33.86 22.22 6.50
N HIS A 385 33.18 22.74 7.52
CA HIS A 385 33.61 22.57 8.90
C HIS A 385 32.40 22.40 9.81
N ILE A 386 32.59 21.63 10.88
CA ILE A 386 31.61 21.50 11.95
C ILE A 386 32.34 21.76 13.26
N HIS A 387 31.73 22.56 14.13
CA HIS A 387 32.31 22.81 15.45
C HIS A 387 31.63 21.93 16.49
N ASN A 388 30.68 22.48 17.25
CA ASN A 388 30.12 21.75 18.37
C ASN A 388 28.62 21.55 18.21
N PRO A 389 28.07 20.49 18.79
CA PRO A 389 26.62 20.29 18.75
C PRO A 389 25.89 21.33 19.59
N ALA A 390 24.69 21.70 19.14
CA ALA A 390 23.92 22.72 19.83
C ALA A 390 23.20 22.15 21.04
N ARG A 391 22.69 20.93 20.95
CA ARG A 391 21.82 20.40 21.99
C ARG A 391 21.65 18.90 21.78
N SER A 392 21.51 18.18 22.89
CA SER A 392 21.42 16.73 22.85
C SER A 392 19.98 16.28 22.61
N ASN A 393 19.85 15.10 22.00
CA ASN A 393 18.55 14.49 21.74
C ASN A 393 17.70 15.36 20.84
N THR A 394 18.35 16.02 19.88
CA THR A 394 17.67 16.74 18.81
C THR A 394 18.18 16.23 17.46
N THR A 395 17.33 16.34 16.44
CA THR A 395 17.67 15.81 15.12
C THR A 395 17.56 16.88 14.05
N GLU A 396 16.42 16.91 13.34
CA GLU A 396 16.27 17.81 12.21
C GLU A 396 16.19 19.26 12.67
N ALA A 397 16.89 20.13 11.96
CA ALA A 397 16.92 21.55 12.29
C ALA A 397 17.05 22.38 11.03
N GLN A 398 16.72 23.66 11.16
CA GLN A 398 16.90 24.65 10.11
C GLN A 398 17.53 25.89 10.73
N VAL A 399 18.38 26.56 9.97
CA VAL A 399 19.18 27.67 10.46
C VAL A 399 18.85 28.92 9.65
N ALA A 400 18.75 30.05 10.34
CA ALA A 400 18.49 31.35 9.72
C ALA A 400 19.27 32.42 10.46
N GLU A 401 19.61 33.49 9.76
CA GLU A 401 20.38 34.59 10.32
C GLU A 401 19.41 35.66 10.82
N VAL A 402 19.03 35.56 12.10
CA VAL A 402 18.10 36.52 12.68
C VAL A 402 18.67 37.93 12.62
N GLU A 403 19.91 38.08 13.05
CA GLU A 403 20.61 39.36 13.04
C GLU A 403 21.96 39.15 12.38
N PRO A 404 22.56 40.21 11.84
CA PRO A 404 23.86 40.06 11.18
C PRO A 404 24.87 39.33 12.05
N GLY A 405 25.34 38.18 11.57
CA GLY A 405 26.30 37.38 12.31
C GLY A 405 25.72 36.53 13.41
N VAL A 406 24.40 36.48 13.54
CA VAL A 406 23.74 35.68 14.58
C VAL A 406 22.89 34.63 13.88
N LEU A 407 23.29 33.37 14.02
CA LEU A 407 22.55 32.24 13.44
C LEU A 407 21.61 31.66 14.49
N MET A 408 20.36 31.45 14.09
CA MET A 408 19.35 30.84 14.95
C MET A 408 19.07 29.42 14.45
N LEU A 409 19.29 28.43 15.32
CA LEU A 409 19.03 27.04 14.98
C LEU A 409 17.74 26.61 15.65
N ASN A 410 16.76 26.21 14.84
CA ASN A 410 15.44 25.78 15.29
C ASN A 410 15.35 24.28 15.08
N MET A 411 15.21 23.52 16.18
CA MET A 411 15.48 22.10 16.18
C MET A 411 14.25 21.27 16.54
N ARG A 412 14.12 20.14 15.87
CA ARG A 412 13.21 19.08 16.29
C ARG A 412 13.76 18.42 17.56
N ASP A 413 12.94 18.37 18.61
CA ASP A 413 13.38 17.94 19.92
C ASP A 413 12.62 16.68 20.32
N ASN A 414 13.35 15.61 20.63
CA ASN A 414 12.74 14.33 20.97
C ASN A 414 11.99 14.37 22.30
N ARG A 415 12.30 15.34 23.17
CA ARG A 415 11.55 15.47 24.41
C ARG A 415 10.07 15.73 24.14
N GLY A 416 9.76 16.30 22.99
CA GLY A 416 8.38 16.41 22.54
C GLY A 416 7.72 17.71 22.97
N GLY A 417 6.81 18.19 22.13
CA GLY A 417 5.92 19.27 22.46
C GLY A 417 6.31 20.63 21.91
N ALA A 418 7.60 20.90 21.76
CA ALA A 418 8.01 22.25 21.41
C ALA A 418 9.39 22.25 20.76
N ARG A 419 9.57 23.13 19.78
CA ARG A 419 10.86 23.29 19.14
C ARG A 419 11.91 23.83 20.11
N ALA A 420 13.12 23.32 20.01
CA ALA A 420 14.26 23.90 20.70
C ALA A 420 14.86 25.00 19.82
N VAL A 421 15.27 26.09 20.46
CA VAL A 421 15.80 27.25 19.75
C VAL A 421 17.06 27.72 20.44
N MET A 422 18.15 27.84 19.68
CA MET A 422 19.42 28.32 20.19
C MET A 422 20.10 29.15 19.11
N THR A 423 20.97 30.05 19.54
CA THR A 423 21.65 30.97 18.64
C THR A 423 23.16 30.92 18.87
N THR A 424 23.92 31.16 17.80
CA THR A 424 25.37 31.16 17.87
C THR A 424 25.92 32.33 17.09
N ARG A 425 26.97 32.95 17.62
CA ARG A 425 27.67 34.05 16.97
C ARG A 425 29.04 33.64 16.43
N ASP A 426 29.45 32.39 16.65
CA ASP A 426 30.77 31.92 16.23
C ASP A 426 30.64 30.63 15.41
N LEU A 427 29.54 30.48 14.68
CA LEU A 427 29.36 29.36 13.75
C LEU A 427 29.36 28.01 14.45
N GLY A 428 28.87 27.96 15.68
CA GLY A 428 28.66 26.71 16.38
C GLY A 428 29.70 26.34 17.40
N ARG A 429 30.72 27.17 17.62
CA ARG A 429 31.67 26.88 18.70
C ARG A 429 30.98 26.93 20.05
N THR A 430 30.14 27.95 20.26
CA THR A 430 29.35 28.08 21.47
C THR A 430 27.91 28.40 21.08
N TRP A 431 26.97 27.95 21.90
CA TRP A 431 25.55 28.09 21.63
C TRP A 431 24.87 28.76 22.81
N THR A 432 23.87 29.59 22.51
CA THR A 432 23.15 30.36 23.52
C THR A 432 21.65 30.07 23.39
N GLU A 433 21.03 29.73 24.52
CA GLU A 433 19.60 29.47 24.53
C GLU A 433 18.82 30.73 24.16
N HIS A 434 17.78 30.55 23.35
CA HIS A 434 16.84 31.62 23.04
C HIS A 434 15.62 31.51 23.95
N VAL A 435 14.96 32.65 24.19
CA VAL A 435 13.84 32.66 25.12
C VAL A 435 12.69 31.81 24.59
N SER A 436 12.53 31.72 23.27
CA SER A 436 11.49 30.89 22.66
C SER A 436 11.77 29.40 22.80
N HIS A 437 12.91 29.02 23.38
CA HIS A 437 13.32 27.63 23.44
C HIS A 437 12.35 26.79 24.25
N ARG A 438 11.86 25.71 23.65
CA ARG A 438 10.98 24.75 24.34
C ARG A 438 9.73 25.42 24.89
N THR A 439 9.21 26.40 24.16
CA THR A 439 8.10 27.21 24.69
C THR A 439 7.16 27.70 23.60
N THR A 440 7.68 28.54 22.69
CA THR A 440 6.82 29.39 21.88
C THR A 440 6.28 28.67 20.65
N LEU A 441 6.97 27.67 20.14
CA LEU A 441 6.59 26.99 18.90
C LEU A 441 6.33 25.51 19.19
N ARG A 442 5.05 25.15 19.34
CA ARG A 442 4.69 23.77 19.57
C ARG A 442 4.93 22.93 18.31
N GLU A 443 5.14 21.64 18.51
CA GLU A 443 5.33 20.71 17.41
C GLU A 443 4.94 19.31 17.86
N PRO A 444 4.62 18.41 16.91
CA PRO A 444 4.40 17.00 17.27
C PRO A 444 5.67 16.18 17.14
N VAL A 445 6.82 16.86 17.16
CA VAL A 445 8.12 16.26 16.85
C VAL A 445 8.14 15.94 15.37
N CYS A 446 8.48 16.94 14.56
CA CYS A 446 8.43 16.83 13.11
C CYS A 446 9.35 17.89 12.53
N MET A 447 9.78 17.68 11.30
CA MET A 447 10.60 18.67 10.62
C MET A 447 9.85 19.99 10.55
N ALA A 448 10.59 21.09 10.64
CA ALA A 448 10.02 22.42 10.54
C ALA A 448 10.98 23.30 9.75
N SER A 449 10.42 24.35 9.15
CA SER A 449 11.17 25.27 8.31
C SER A 449 11.22 26.65 8.96
N LEU A 450 12.38 27.27 8.92
CA LEU A 450 12.59 28.61 9.42
C LEU A 450 13.42 29.39 8.42
N ILE A 451 12.98 30.59 8.07
CA ILE A 451 13.75 31.47 7.21
C ILE A 451 13.68 32.89 7.76
N ALA A 452 14.70 33.68 7.45
CA ALA A 452 14.76 35.09 7.82
C ALA A 452 14.68 35.93 6.56
N VAL A 453 13.92 37.02 6.62
CA VAL A 453 13.73 37.91 5.47
C VAL A 453 14.10 39.33 5.91
N PRO A 454 15.22 39.88 5.44
CA PRO A 454 15.58 41.25 5.84
C PRO A 454 14.54 42.26 5.41
N ALA A 455 14.47 43.36 6.17
CA ALA A 455 13.50 44.41 5.87
C ALA A 455 13.60 44.88 4.43
N GLU A 456 14.82 45.06 3.92
CA GLU A 456 15.02 45.55 2.57
C GLU A 456 14.57 44.56 1.49
N LYS A 457 14.16 43.34 1.86
CA LYS A 457 13.79 42.33 0.89
C LYS A 457 12.33 41.93 0.95
N ASN A 458 11.50 42.65 1.70
CA ASN A 458 10.08 42.33 1.77
C ASN A 458 9.26 43.60 1.82
N VAL A 459 7.98 43.46 1.43
CA VAL A 459 7.09 44.60 1.28
C VAL A 459 6.75 45.26 2.60
N LEU A 460 6.98 44.59 3.73
CA LEU A 460 6.63 45.16 5.02
C LEU A 460 7.70 46.11 5.56
N GLY A 461 8.93 46.04 5.04
CA GLY A 461 9.97 46.93 5.49
C GLY A 461 10.46 46.66 6.90
N LYS A 462 10.39 45.41 7.35
CA LYS A 462 10.83 45.04 8.69
C LYS A 462 11.50 43.67 8.65
N ASP A 463 12.52 43.50 9.49
CA ASP A 463 13.13 42.19 9.62
C ASP A 463 12.07 41.16 10.01
N LEU A 464 12.12 40.01 9.36
CA LEU A 464 11.00 39.08 9.39
C LEU A 464 11.51 37.65 9.56
N LEU A 465 10.81 36.87 10.37
CA LEU A 465 10.99 35.43 10.44
C LEU A 465 9.72 34.75 9.98
N LEU A 466 9.87 33.70 9.18
CA LEU A 466 8.75 32.88 8.73
C LEU A 466 9.02 31.43 9.12
N PHE A 467 8.00 30.78 9.66
CA PHE A 467 8.13 29.45 10.23
C PHE A 467 6.92 28.62 9.82
N SER A 468 7.17 27.35 9.47
CA SER A 468 6.09 26.47 9.02
C SER A 468 6.30 25.07 9.58
N ASN A 469 5.24 24.48 10.10
CA ASN A 469 5.26 23.13 10.65
C ASN A 469 3.82 22.70 10.93
N PRO A 470 3.59 21.45 11.33
CA PRO A 470 2.25 21.06 11.80
C PRO A 470 1.98 21.74 13.14
N ASP A 471 1.02 22.66 13.18
CA ASP A 471 0.81 23.51 14.36
C ASP A 471 0.01 22.75 15.41
N THR A 472 0.66 21.73 15.97
CA THR A 472 0.03 20.88 16.97
C THR A 472 1.10 20.35 17.94
N THR A 473 0.65 19.65 18.97
CA THR A 473 1.52 18.87 19.83
C THR A 473 1.41 17.37 19.60
N ASP A 474 0.32 16.91 18.98
CA ASP A 474 0.14 15.50 18.67
C ASP A 474 -0.44 15.39 17.26
N GLY A 475 0.18 14.55 16.44
CA GLY A 475 -0.33 14.32 15.09
C GLY A 475 0.12 15.37 14.10
N ARG A 476 0.38 14.97 12.86
CA ARG A 476 0.88 15.85 11.81
C ARG A 476 -0.31 16.31 10.96
N ARG A 477 -0.69 17.56 11.14
CA ARG A 477 -1.82 18.16 10.44
C ARG A 477 -1.75 19.67 10.71
N ASP A 478 -2.71 20.41 10.15
CA ASP A 478 -2.79 21.85 10.35
C ASP A 478 -1.46 22.53 10.02
N ILE A 479 -0.96 22.28 8.80
CA ILE A 479 0.24 22.97 8.35
C ILE A 479 -0.03 24.47 8.33
N THR A 480 0.82 25.24 9.01
CA THR A 480 0.60 26.65 9.23
C THR A 480 1.90 27.41 9.04
N ILE A 481 1.84 28.52 8.32
CA ILE A 481 2.95 29.46 8.27
C ILE A 481 2.76 30.46 9.41
N LYS A 482 3.84 30.72 10.15
CA LYS A 482 3.83 31.69 11.23
C LYS A 482 4.88 32.75 10.96
N ALA A 483 4.57 34.00 11.33
CA ALA A 483 5.46 35.12 11.10
C ALA A 483 5.76 35.82 12.42
N SER A 484 6.99 36.32 12.54
CA SER A 484 7.42 37.07 13.71
C SER A 484 8.12 38.34 13.26
N LEU A 485 7.81 39.45 13.93
CA LEU A 485 8.41 40.75 13.63
C LEU A 485 9.40 41.19 14.69
N ASP A 486 9.72 40.34 15.66
CA ASP A 486 10.67 40.69 16.73
C ASP A 486 11.68 39.58 16.95
N GLY A 487 12.19 39.00 15.86
CA GLY A 487 13.27 38.04 15.96
C GLY A 487 12.92 36.72 16.61
N GLY A 488 11.68 36.27 16.49
CA GLY A 488 11.30 34.98 17.00
C GLY A 488 10.92 34.93 18.46
N VAL A 489 10.76 36.09 19.11
CA VAL A 489 10.27 36.10 20.49
C VAL A 489 8.77 35.89 20.51
N THR A 490 8.06 36.40 19.50
CA THR A 490 6.60 36.38 19.48
C THR A 490 6.13 36.15 18.06
N TRP A 491 5.12 35.30 17.91
CA TRP A 491 4.59 34.91 16.60
C TRP A 491 3.08 35.16 16.60
N PRO A 492 2.65 36.41 16.45
CA PRO A 492 1.23 36.73 16.50
C PRO A 492 0.50 36.67 15.17
N TYR A 493 1.16 36.21 14.10
CA TYR A 493 0.58 36.10 12.78
C TYR A 493 0.72 34.67 12.29
N SER A 494 -0.34 34.15 11.68
CA SER A 494 -0.33 32.78 11.21
C SER A 494 -1.34 32.61 10.09
N LEU A 495 -1.09 31.61 9.24
CA LEU A 495 -1.97 31.30 8.12
C LEU A 495 -2.08 29.79 8.03
N LEU A 496 -3.29 29.27 8.30
CA LEU A 496 -3.54 27.84 8.19
C LEU A 496 -3.67 27.46 6.72
N LEU A 497 -2.92 26.44 6.30
CA LEU A 497 -2.92 25.99 4.92
C LEU A 497 -3.59 24.65 4.69
N ASP A 498 -3.43 23.69 5.59
CA ASP A 498 -3.86 22.32 5.35
C ASP A 498 -4.45 21.72 6.62
N GLU A 499 -5.79 21.55 6.63
CA GLU A 499 -6.45 20.89 7.74
C GLU A 499 -6.03 19.42 7.85
N GLY A 500 -5.92 18.74 6.72
CA GLY A 500 -5.82 17.30 6.72
C GLY A 500 -4.53 16.78 7.33
N ASP A 501 -4.51 15.46 7.52
CA ASP A 501 -3.31 14.78 8.00
C ASP A 501 -2.33 14.57 6.85
N SER A 502 -1.05 14.66 7.17
CA SER A 502 0.00 14.50 6.16
C SER A 502 1.26 14.01 6.86
N TRP A 503 2.31 13.81 6.07
CA TRP A 503 3.60 13.44 6.64
C TRP A 503 4.35 14.65 7.19
N GLY A 504 3.94 15.87 6.83
CA GLY A 504 4.15 17.04 7.65
C GLY A 504 5.35 17.91 7.31
N TYR A 505 6.34 17.40 6.58
CA TYR A 505 7.54 18.19 6.31
C TYR A 505 7.20 19.38 5.40
N SER A 506 7.96 20.45 5.56
CA SER A 506 7.72 21.68 4.80
C SER A 506 9.02 22.45 4.65
N CYS A 507 9.03 23.37 3.68
CA CYS A 507 10.17 24.27 3.49
C CYS A 507 9.68 25.57 2.86
N LEU A 508 10.26 26.68 3.31
CA LEU A 508 9.82 28.02 2.94
C LEU A 508 10.88 28.73 2.10
N THR A 509 10.42 29.66 1.27
CA THR A 509 11.29 30.60 0.59
C THR A 509 10.49 31.85 0.25
N MET A 510 11.21 32.93 -0.02
CA MET A 510 10.61 34.14 -0.55
C MET A 510 10.60 34.08 -2.06
N ILE A 511 9.41 34.06 -2.66
CA ILE A 511 9.31 34.11 -4.11
C ILE A 511 9.77 35.48 -4.62
N ASP A 512 9.18 36.54 -4.07
CA ASP A 512 9.58 37.91 -4.36
C ASP A 512 9.35 38.72 -3.09
N SER A 513 9.38 40.06 -3.24
CA SER A 513 9.25 40.91 -2.06
C SER A 513 7.86 40.85 -1.43
N GLN A 514 6.86 40.37 -2.17
CA GLN A 514 5.48 40.42 -1.70
C GLN A 514 4.90 39.07 -1.30
N THR A 515 5.55 37.96 -1.64
CA THR A 515 4.90 36.66 -1.55
C THR A 515 5.84 35.61 -0.99
N VAL A 516 5.29 34.72 -0.17
CA VAL A 516 6.01 33.58 0.37
C VAL A 516 5.63 32.33 -0.41
N GLY A 517 6.60 31.45 -0.60
CA GLY A 517 6.36 30.16 -1.22
C GLY A 517 6.69 29.05 -0.24
N ILE A 518 5.89 27.99 -0.28
CA ILE A 518 6.07 26.85 0.62
C ILE A 518 5.93 25.57 -0.18
N LEU A 519 6.88 24.65 0.00
CA LEU A 519 6.85 23.32 -0.60
C LEU A 519 6.78 22.31 0.54
N TYR A 520 5.68 21.56 0.61
CA TYR A 520 5.47 20.73 1.78
C TYR A 520 4.63 19.50 1.43
N GLU A 521 4.64 18.54 2.35
CA GLU A 521 3.88 17.30 2.23
C GLU A 521 2.48 17.55 2.79
N SER A 522 1.48 17.56 1.92
CA SER A 522 0.13 17.95 2.29
C SER A 522 -0.80 16.73 2.23
N SER A 523 -2.06 16.96 2.60
CA SER A 523 -3.09 15.94 2.51
C SER A 523 -3.66 15.80 1.10
N VAL A 524 -3.16 16.57 0.14
CA VAL A 524 -3.65 16.52 -1.23
C VAL A 524 -2.57 16.19 -2.24
N ALA A 525 -1.29 16.21 -1.85
CA ALA A 525 -0.21 15.83 -2.75
C ALA A 525 1.05 15.60 -1.93
N HIS A 526 1.82 14.59 -2.32
CA HIS A 526 3.06 14.28 -1.60
C HIS A 526 3.97 15.51 -1.52
N ILE A 527 4.04 16.29 -2.59
CA ILE A 527 4.86 17.50 -2.64
C ILE A 527 3.96 18.61 -3.17
N THR A 528 3.48 19.48 -2.29
CA THR A 528 2.53 20.52 -2.63
C THR A 528 3.23 21.88 -2.55
N PHE A 529 3.03 22.70 -3.58
CA PHE A 529 3.52 24.07 -3.58
C PHE A 529 2.36 25.04 -3.41
N GLN A 530 2.56 26.06 -2.58
CA GLN A 530 1.59 27.12 -2.40
C GLN A 530 2.31 28.46 -2.30
N ALA A 531 1.67 29.49 -2.82
CA ALA A 531 2.14 30.86 -2.71
C ALA A 531 1.11 31.68 -1.96
N ALA A 532 1.59 32.56 -1.08
CA ALA A 532 0.69 33.36 -0.25
C ALA A 532 1.30 34.74 -0.06
N LYS A 533 0.49 35.78 -0.23
CA LYS A 533 0.96 37.13 -0.04
C LYS A 533 1.40 37.35 1.41
N LEU A 534 2.56 37.98 1.58
CA LEU A 534 3.04 38.30 2.92
C LEU A 534 1.96 39.04 3.72
N LYS A 535 1.18 39.88 3.05
CA LYS A 535 0.14 40.65 3.71
C LYS A 535 -1.08 39.83 4.09
N ALA A 536 -1.23 38.63 3.53
CA ALA A 536 -2.28 37.72 3.99
C ALA A 536 -1.90 37.01 5.28
N ILE A 537 -0.60 36.94 5.58
CA ILE A 537 -0.13 36.40 6.84
C ILE A 537 -0.04 37.49 7.91
N VAL A 538 0.57 38.62 7.55
CA VAL A 538 0.74 39.74 8.46
C VAL A 538 -0.31 40.82 8.16
N LEU B 24 28.77 -20.98 3.86
CA LEU B 24 27.93 -20.82 2.68
C LEU B 24 26.79 -21.83 2.70
N ARG B 25 25.55 -21.34 2.67
CA ARG B 25 24.38 -22.19 2.75
C ARG B 25 23.42 -21.83 1.62
N ILE B 26 22.71 -22.85 1.13
CA ILE B 26 21.78 -22.71 0.01
C ILE B 26 20.42 -23.21 0.44
N HIS B 27 19.37 -22.49 0.04
CA HIS B 27 18.01 -22.83 0.38
C HIS B 27 17.17 -22.94 -0.89
N ASN B 28 16.52 -24.09 -1.07
CA ASN B 28 15.56 -24.28 -2.16
C ASN B 28 14.16 -24.09 -1.60
N PRO B 29 13.53 -22.92 -1.80
CA PRO B 29 12.24 -22.69 -1.16
C PRO B 29 11.12 -23.47 -1.83
N GLN B 30 10.28 -24.09 -1.00
CA GLN B 30 9.11 -24.84 -1.47
C GLN B 30 7.98 -23.84 -1.71
N ILE B 31 8.07 -23.13 -2.84
CA ILE B 31 7.00 -22.25 -3.29
C ILE B 31 6.73 -22.53 -4.76
N PRO B 32 5.54 -22.20 -5.24
CA PRO B 32 5.20 -22.52 -6.63
C PRO B 32 6.06 -21.75 -7.62
N ILE B 33 6.42 -22.43 -8.71
CA ILE B 33 7.08 -21.82 -9.85
C ILE B 33 5.99 -21.53 -10.87
N LEU B 34 5.66 -20.26 -11.05
CA LEU B 34 4.52 -19.88 -11.89
C LEU B 34 4.92 -19.86 -13.36
N LEU B 35 4.11 -20.51 -14.20
CA LEU B 35 4.37 -20.53 -15.63
C LEU B 35 4.30 -19.12 -16.23
N ASP B 36 3.48 -18.24 -15.65
CA ASP B 36 3.24 -16.92 -16.19
C ASP B 36 4.16 -15.86 -15.58
N ARG B 37 5.19 -16.25 -14.85
CA ARG B 37 6.15 -15.32 -14.26
C ARG B 37 7.44 -15.33 -15.06
N MET B 38 8.05 -14.15 -15.18
CA MET B 38 9.34 -14.04 -15.85
C MET B 38 10.49 -14.44 -14.93
N ASP B 39 10.29 -14.38 -13.62
CA ASP B 39 11.28 -14.81 -12.64
C ASP B 39 10.59 -15.65 -11.57
N ASN B 40 11.28 -16.70 -11.12
CA ASN B 40 10.84 -17.51 -10.00
C ASN B 40 12.07 -17.89 -9.19
N VAL B 41 11.96 -17.85 -7.87
CA VAL B 41 13.08 -18.14 -6.99
C VAL B 41 13.33 -19.64 -6.99
N LEU B 42 14.48 -20.06 -7.50
CA LEU B 42 14.89 -21.46 -7.46
C LEU B 42 15.82 -21.75 -6.29
N PHE B 43 16.90 -20.98 -6.16
CA PHE B 43 17.86 -21.15 -5.06
C PHE B 43 18.13 -19.80 -4.42
N LEU B 44 18.13 -19.80 -3.08
CA LEU B 44 18.58 -18.66 -2.29
C LEU B 44 19.94 -19.00 -1.71
N ILE B 45 20.89 -18.08 -1.84
CA ILE B 45 22.28 -18.31 -1.45
C ILE B 45 22.72 -17.17 -0.55
N ARG B 46 23.26 -17.51 0.61
CA ARG B 46 23.86 -16.53 1.51
C ARG B 46 25.30 -16.94 1.80
N VAL B 47 26.22 -16.00 1.60
CA VAL B 47 27.62 -16.20 1.93
C VAL B 47 27.87 -15.55 3.29
N PRO B 48 27.97 -16.33 4.37
CA PRO B 48 27.95 -15.71 5.72
C PRO B 48 29.05 -14.68 5.95
N ASP B 49 30.32 -15.02 5.66
CA ASP B 49 31.44 -14.15 6.00
C ASP B 49 32.46 -14.18 4.86
N ALA B 50 32.24 -13.33 3.87
CA ALA B 50 33.14 -13.21 2.74
C ALA B 50 34.24 -12.19 3.04
N VAL B 51 35.40 -12.42 2.44
CA VAL B 51 36.49 -11.43 2.48
C VAL B 51 36.20 -10.37 1.42
N GLN B 52 36.31 -9.11 1.80
CA GLN B 52 36.09 -8.02 0.87
C GLN B 52 36.92 -8.24 -0.39
N GLY B 53 36.25 -8.18 -1.54
CA GLY B 53 36.91 -8.30 -2.82
C GLY B 53 36.93 -9.70 -3.41
N ASN B 54 36.71 -10.74 -2.60
CA ASN B 54 36.61 -12.08 -3.14
C ASN B 54 35.43 -12.16 -4.10
N VAL B 55 35.56 -13.04 -5.09
CA VAL B 55 34.59 -13.13 -6.18
C VAL B 55 33.99 -14.52 -6.20
N LEU B 56 32.67 -14.60 -6.05
CA LEU B 56 31.91 -15.79 -6.41
C LEU B 56 31.94 -15.89 -7.93
N GLU B 57 32.91 -16.62 -8.48
CA GLU B 57 33.17 -16.53 -9.92
C GLU B 57 32.20 -17.38 -10.74
N SER B 58 31.69 -18.47 -10.18
CA SER B 58 30.78 -19.32 -10.93
C SER B 58 29.92 -20.12 -9.98
N LEU B 59 28.84 -20.67 -10.53
CA LEU B 59 27.86 -21.44 -9.78
C LEU B 59 27.16 -22.36 -10.76
N THR B 60 27.11 -23.65 -10.44
CA THR B 60 26.59 -24.67 -11.35
C THR B 60 25.30 -25.27 -10.81
N VAL B 61 24.26 -25.25 -11.63
CA VAL B 61 22.98 -25.88 -11.31
C VAL B 61 22.92 -27.22 -12.05
N GLU B 62 22.60 -28.29 -11.32
CA GLU B 62 22.43 -29.61 -11.90
C GLU B 62 20.98 -30.04 -11.71
N PHE B 63 20.31 -30.33 -12.82
CA PHE B 63 18.95 -30.85 -12.78
C PHE B 63 18.97 -32.37 -12.67
N GLY B 64 17.91 -32.91 -12.09
CA GLY B 64 17.78 -34.35 -11.94
C GLY B 64 17.72 -35.04 -13.29
N PRO B 65 17.94 -36.36 -13.29
CA PRO B 65 17.92 -37.09 -14.57
C PRO B 65 16.57 -37.08 -15.26
N ASP B 66 15.48 -37.23 -14.51
CA ASP B 66 14.14 -37.29 -15.08
C ASP B 66 13.59 -35.92 -15.47
N THR B 67 14.38 -34.86 -15.31
CA THR B 67 13.90 -33.52 -15.63
C THR B 67 13.83 -33.31 -17.14
N ASP B 68 12.73 -32.73 -17.60
CA ASP B 68 12.56 -32.38 -19.01
C ASP B 68 13.13 -30.98 -19.21
N LEU B 69 14.36 -30.90 -19.72
CA LEU B 69 15.03 -29.63 -19.88
C LEU B 69 14.32 -28.71 -20.86
N ASN B 70 13.44 -29.26 -21.71
CA ASN B 70 12.73 -28.43 -22.68
C ASN B 70 11.64 -27.60 -22.03
N SER B 71 11.18 -27.96 -20.83
CA SER B 71 10.19 -27.17 -20.12
C SER B 71 10.78 -25.92 -19.46
N ILE B 72 12.10 -25.84 -19.35
CA ILE B 72 12.77 -24.69 -18.73
C ILE B 72 13.24 -23.75 -19.83
N ALA B 73 12.81 -22.49 -19.75
CA ALA B 73 13.15 -21.51 -20.78
C ALA B 73 14.43 -20.75 -20.47
N GLU B 74 14.67 -20.40 -19.21
CA GLU B 74 15.83 -19.56 -18.91
C GLU B 74 16.22 -19.69 -17.45
N LEU B 75 17.50 -19.42 -17.20
CA LEU B 75 18.09 -19.47 -15.87
C LEU B 75 18.98 -18.25 -15.72
N ARG B 76 18.87 -17.55 -14.59
CA ARG B 76 19.71 -16.38 -14.36
C ARG B 76 20.24 -16.37 -12.92
N LEU B 77 21.42 -15.78 -12.77
CA LEU B 77 22.06 -15.57 -11.48
C LEU B 77 21.96 -14.10 -11.12
N PHE B 78 21.46 -13.81 -9.91
CA PHE B 78 21.33 -12.46 -9.42
C PHE B 78 22.26 -12.24 -8.23
N TYR B 79 22.74 -11.01 -8.10
CA TYR B 79 23.43 -10.54 -6.90
C TYR B 79 22.52 -9.54 -6.19
N SER B 80 22.33 -9.73 -4.88
CA SER B 80 21.36 -8.96 -4.12
C SER B 80 21.99 -8.22 -2.94
N GLY B 81 23.30 -8.00 -2.97
CA GLY B 81 23.93 -7.13 -1.98
C GLY B 81 24.08 -7.81 -0.62
N THR B 82 23.99 -6.99 0.43
CA THR B 82 24.29 -7.44 1.78
C THR B 82 23.07 -7.33 2.69
N GLU B 83 23.31 -7.26 4.00
CA GLU B 83 22.25 -7.33 5.00
C GLU B 83 22.43 -6.22 6.04
N ALA B 84 21.32 -5.83 6.66
CA ALA B 84 21.37 -4.85 7.74
C ALA B 84 22.07 -5.46 8.95
N VAL B 85 22.98 -4.69 9.54
CA VAL B 85 23.79 -5.19 10.66
C VAL B 85 22.92 -5.61 11.82
N ARG B 86 21.76 -4.96 12.01
CA ARG B 86 20.93 -5.22 13.17
C ARG B 86 20.00 -6.42 12.99
N ARG B 87 19.75 -6.85 11.75
CA ARG B 87 18.78 -7.89 11.52
C ARG B 87 19.19 -9.18 12.21
N GLN B 88 18.30 -9.72 13.03
CA GLN B 88 18.56 -10.93 13.80
C GLN B 88 18.25 -12.17 12.97
N GLY B 89 19.01 -13.23 13.22
CA GLY B 89 18.70 -14.55 12.70
C GLY B 89 19.30 -14.82 11.33
N LEU B 90 19.31 -16.10 10.98
CA LEU B 90 19.81 -16.54 9.68
C LEU B 90 18.78 -16.23 8.61
N ARG B 91 19.18 -15.44 7.62
CA ARG B 91 18.31 -15.06 6.52
C ARG B 91 18.92 -15.52 5.21
N PHE B 92 18.06 -15.75 4.22
CA PHE B 92 18.49 -16.10 2.87
C PHE B 92 18.20 -15.01 1.86
N SER B 93 17.68 -13.87 2.31
CA SER B 93 17.45 -12.72 1.43
C SER B 93 17.29 -11.49 2.30
N PRO B 94 17.68 -10.31 1.82
CA PRO B 94 17.46 -9.08 2.60
C PRO B 94 16.07 -8.51 2.42
N VAL B 95 15.31 -9.01 1.45
CA VAL B 95 14.05 -8.40 1.02
C VAL B 95 13.36 -9.39 0.10
N GLU B 96 12.06 -9.17 -0.15
CA GLU B 96 11.33 -10.01 -1.09
C GLU B 96 11.72 -9.64 -2.51
N TYR B 97 12.25 -10.60 -3.26
CA TYR B 97 12.79 -10.32 -4.60
C TYR B 97 11.69 -10.13 -5.62
N ILE B 98 10.66 -10.99 -5.59
CA ILE B 98 9.57 -10.95 -6.56
C ILE B 98 8.29 -10.72 -5.78
N SER B 99 7.62 -9.61 -6.06
CA SER B 99 6.48 -9.19 -5.25
C SER B 99 5.18 -9.78 -5.79
N ALA B 100 4.29 -10.13 -4.87
CA ALA B 100 2.92 -10.53 -5.19
C ALA B 100 1.91 -9.44 -4.86
N HIS B 101 2.38 -8.22 -4.56
CA HIS B 101 1.51 -7.12 -4.19
C HIS B 101 1.80 -5.83 -4.92
N ASN B 102 2.96 -5.69 -5.58
CA ASN B 102 3.28 -4.48 -6.33
C ASN B 102 2.48 -4.48 -7.63
N VAL B 103 1.47 -3.61 -7.71
CA VAL B 103 0.58 -3.58 -8.87
C VAL B 103 1.29 -3.12 -10.14
N TRP B 104 2.53 -2.63 -10.04
CA TRP B 104 3.32 -2.31 -11.21
C TRP B 104 4.15 -3.48 -11.71
N ASN B 105 4.41 -4.47 -10.86
CA ASN B 105 5.27 -5.59 -11.24
C ASN B 105 5.15 -6.74 -10.26
N THR B 106 4.42 -7.79 -10.64
CA THR B 106 4.32 -9.01 -9.86
C THR B 106 4.93 -10.21 -10.60
N ARG B 107 5.55 -9.98 -11.75
CA ARG B 107 5.94 -11.06 -12.63
C ARG B 107 7.44 -11.17 -12.86
N SER B 108 8.23 -10.16 -12.50
CA SER B 108 9.67 -10.20 -12.67
C SER B 108 10.35 -9.70 -11.40
N ALA B 109 11.64 -10.02 -11.30
CA ALA B 109 12.42 -9.60 -10.14
C ALA B 109 12.55 -8.08 -10.11
N ASN B 110 12.27 -7.49 -8.95
CA ASN B 110 12.44 -6.05 -8.79
C ASN B 110 13.90 -5.71 -9.08
N PRO B 111 14.21 -4.97 -10.15
CA PRO B 111 15.62 -4.72 -10.47
C PRO B 111 16.36 -3.97 -9.38
N SER B 112 15.65 -3.21 -8.53
CA SER B 112 16.32 -2.42 -7.50
C SER B 112 16.81 -3.27 -6.34
N TYR B 113 16.37 -4.53 -6.22
CA TYR B 113 16.84 -5.43 -5.18
C TYR B 113 17.79 -6.50 -5.69
N SER B 114 17.89 -6.70 -7.01
CA SER B 114 18.69 -7.78 -7.56
C SER B 114 19.34 -7.33 -8.86
N VAL B 115 20.63 -7.60 -9.01
CA VAL B 115 21.39 -7.22 -10.19
C VAL B 115 21.74 -8.49 -10.95
N MET B 116 21.33 -8.55 -12.22
CA MET B 116 21.54 -9.74 -13.02
C MET B 116 23.01 -9.90 -13.36
N GLN B 117 23.57 -11.06 -13.03
CA GLN B 117 24.97 -11.37 -13.30
C GLN B 117 25.13 -12.07 -14.64
N GLU B 118 24.43 -13.21 -14.81
CA GLU B 118 24.45 -13.92 -16.07
C GLU B 118 23.11 -14.62 -16.23
N GLN B 119 22.73 -14.86 -17.49
CA GLN B 119 21.52 -15.59 -17.80
C GLN B 119 21.79 -16.51 -18.99
N ALA B 120 21.21 -17.71 -18.93
CA ALA B 120 21.42 -18.72 -19.97
C ALA B 120 20.07 -19.27 -20.40
N SER B 121 19.84 -19.32 -21.71
CA SER B 121 18.64 -19.89 -22.27
C SER B 121 18.89 -21.24 -22.93
N LYS B 122 20.11 -21.76 -22.89
CA LYS B 122 20.43 -23.11 -23.32
C LYS B 122 20.60 -23.96 -22.06
N ILE B 123 19.59 -24.78 -21.77
CA ILE B 123 19.51 -25.51 -20.52
C ILE B 123 19.95 -26.96 -20.80
N GLY B 124 21.18 -27.29 -20.38
CA GLY B 124 21.62 -28.66 -20.34
C GLY B 124 21.40 -29.26 -18.96
N ARG B 125 21.83 -30.51 -18.80
CA ARG B 125 21.72 -31.16 -17.50
C ARG B 125 22.46 -30.36 -16.43
N LYS B 126 23.50 -29.63 -16.83
CA LYS B 126 24.22 -28.73 -15.94
C LYS B 126 24.35 -27.36 -16.62
N VAL B 127 24.10 -26.31 -15.84
CA VAL B 127 24.18 -24.94 -16.33
C VAL B 127 25.09 -24.17 -15.38
N VAL B 128 26.13 -23.54 -15.94
CA VAL B 128 27.10 -22.78 -15.17
C VAL B 128 26.82 -21.30 -15.37
N LEU B 129 26.74 -20.56 -14.26
CA LEU B 129 26.46 -19.13 -14.28
C LEU B 129 27.57 -18.38 -13.56
N HIS B 130 28.02 -17.29 -14.17
CA HIS B 130 29.18 -16.54 -13.70
C HIS B 130 28.76 -15.17 -13.19
N SER B 131 29.69 -14.49 -12.51
CA SER B 131 29.37 -13.23 -11.83
C SER B 131 30.39 -12.13 -12.08
N ARG B 132 31.58 -12.25 -11.50
CA ARG B 132 32.64 -11.25 -11.49
C ARG B 132 32.45 -10.21 -10.39
N GLN B 133 31.34 -10.22 -9.66
CA GLN B 133 31.05 -9.19 -8.66
C GLN B 133 31.98 -9.32 -7.46
N PRO B 134 32.72 -8.27 -7.08
CA PRO B 134 33.51 -8.34 -5.85
C PRO B 134 32.59 -8.35 -4.62
N MET B 135 32.81 -9.33 -3.74
CA MET B 135 31.93 -9.52 -2.60
C MET B 135 32.20 -8.46 -1.53
N VAL B 136 31.13 -8.04 -0.87
CA VAL B 136 31.24 -7.15 0.28
C VAL B 136 31.73 -7.95 1.49
N GLY B 137 32.45 -7.27 2.37
CA GLY B 137 32.86 -7.90 3.62
C GLY B 137 31.67 -8.30 4.45
N GLY B 138 31.55 -9.59 4.76
CA GLY B 138 30.45 -10.08 5.55
C GLY B 138 29.40 -10.82 4.74
N ILE B 139 28.13 -10.56 5.01
CA ILE B 139 27.04 -11.29 4.38
C ILE B 139 26.87 -10.82 2.95
N ASN B 140 26.65 -11.77 2.04
CA ASN B 140 26.37 -11.48 0.64
C ASN B 140 25.29 -12.44 0.14
N TYR B 141 24.33 -11.91 -0.61
CA TYR B 141 23.18 -12.67 -1.07
C TYR B 141 23.23 -12.83 -2.59
N TYR B 142 23.12 -14.07 -3.06
CA TYR B 142 22.88 -14.39 -4.46
C TYR B 142 21.63 -15.25 -4.54
N TRP B 143 21.03 -15.30 -5.73
CA TRP B 143 19.93 -16.23 -5.94
C TRP B 143 19.80 -16.54 -7.43
N VAL B 144 19.20 -17.70 -7.71
CA VAL B 144 19.06 -18.23 -9.05
C VAL B 144 17.59 -18.18 -9.43
N SER B 145 17.27 -17.55 -10.55
CA SER B 145 15.91 -17.47 -11.05
C SER B 145 15.72 -18.45 -12.19
N VAL B 146 14.55 -19.10 -12.22
CA VAL B 146 14.17 -20.02 -13.28
C VAL B 146 12.89 -19.51 -13.91
N ARG B 147 12.88 -19.40 -15.24
CA ARG B 147 11.69 -19.09 -16.01
C ARG B 147 11.32 -20.30 -16.85
N MET B 148 10.06 -20.71 -16.77
CA MET B 148 9.62 -21.91 -17.46
C MET B 148 9.05 -21.56 -18.83
N ASN B 149 9.08 -22.55 -19.71
CA ASN B 149 8.28 -22.49 -20.94
C ASN B 149 6.82 -22.30 -20.53
N PRO B 150 6.16 -21.22 -20.98
CA PRO B 150 4.78 -20.99 -20.53
C PRO B 150 3.83 -22.14 -20.82
N ASP B 151 4.17 -23.04 -21.74
CA ASP B 151 3.32 -24.18 -22.06
C ASP B 151 3.69 -25.44 -21.29
N ALA B 152 4.69 -25.39 -20.42
CA ALA B 152 5.12 -26.57 -19.70
C ALA B 152 3.97 -27.12 -18.84
N SER B 153 3.97 -28.43 -18.64
CA SER B 153 2.92 -29.07 -17.86
C SER B 153 2.94 -28.57 -16.42
N LEU B 154 1.75 -28.28 -15.89
CA LEU B 154 1.62 -27.93 -14.48
C LEU B 154 1.99 -29.08 -13.56
N LEU B 155 2.05 -30.31 -14.08
CA LEU B 155 2.44 -31.47 -13.29
C LEU B 155 3.94 -31.71 -13.29
N THR B 156 4.71 -30.78 -13.84
CA THR B 156 6.16 -30.94 -13.90
C THR B 156 6.77 -30.90 -12.50
N GLU B 157 7.56 -31.92 -12.17
CA GLU B 157 8.31 -31.97 -10.93
C GLU B 157 9.75 -31.59 -11.25
N LEU B 158 10.20 -30.46 -10.72
CA LEU B 158 11.53 -29.93 -11.03
C LEU B 158 12.49 -30.27 -9.89
N ARG B 159 13.44 -31.16 -10.17
CA ARG B 159 14.46 -31.55 -9.22
C ARG B 159 15.79 -30.94 -9.64
N ALA B 160 16.35 -30.09 -8.78
CA ALA B 160 17.59 -29.41 -9.10
C ALA B 160 18.39 -29.18 -7.82
N ARG B 161 19.71 -29.23 -7.97
CA ARG B 161 20.64 -28.94 -6.89
C ARG B 161 21.69 -27.97 -7.41
N VAL B 162 22.43 -27.37 -6.49
CA VAL B 162 23.60 -26.56 -6.82
C VAL B 162 24.81 -27.45 -6.59
N SER B 163 25.38 -27.96 -7.69
CA SER B 163 26.42 -28.97 -7.61
C SER B 163 27.77 -28.37 -7.22
N GLU B 164 28.03 -27.11 -7.56
CA GLU B 164 29.34 -26.54 -7.35
C GLU B 164 29.23 -25.03 -7.28
N VAL B 165 30.01 -24.43 -6.39
CA VAL B 165 30.19 -22.98 -6.32
C VAL B 165 31.69 -22.73 -6.24
N VAL B 166 32.17 -21.77 -7.05
CA VAL B 166 33.57 -21.40 -7.07
C VAL B 166 33.70 -19.99 -6.52
N VAL B 167 34.59 -19.82 -5.54
CA VAL B 167 34.87 -18.52 -4.95
C VAL B 167 36.38 -18.35 -4.91
N ASN B 168 36.89 -17.36 -5.65
CA ASN B 168 38.31 -17.05 -5.66
C ASN B 168 39.16 -18.22 -6.16
N GLY B 169 38.62 -19.00 -7.10
CA GLY B 169 39.33 -20.11 -7.67
C GLY B 169 39.18 -21.43 -6.92
N LYS B 170 38.54 -21.42 -5.75
CA LYS B 170 38.38 -22.62 -4.94
C LYS B 170 36.92 -23.08 -4.97
N LYS B 171 36.73 -24.37 -4.73
CA LYS B 171 35.43 -25.03 -4.90
C LYS B 171 34.70 -25.21 -3.58
N ILE B 172 34.66 -24.15 -2.76
CA ILE B 172 34.10 -24.17 -1.41
C ILE B 172 32.90 -25.12 -1.34
N PRO B 173 32.69 -25.83 -0.23
CA PRO B 173 31.70 -26.92 -0.23
C PRO B 173 30.27 -26.43 -0.32
N VAL B 174 29.40 -27.36 -0.69
CA VAL B 174 27.95 -27.17 -0.65
C VAL B 174 27.33 -28.50 -0.22
N ALA B 175 26.64 -28.48 0.92
CA ALA B 175 26.06 -29.70 1.47
C ALA B 175 25.19 -30.44 0.44
N GLU B 180 16.47 -32.96 0.02
CA GLU B 180 15.86 -33.11 -1.29
C GLU B 180 14.56 -32.32 -1.37
N VAL B 181 14.48 -31.40 -2.32
CA VAL B 181 13.30 -30.56 -2.53
C VAL B 181 12.80 -30.77 -3.95
N VAL B 182 11.52 -31.08 -4.07
CA VAL B 182 10.87 -31.26 -5.38
C VAL B 182 9.98 -30.05 -5.62
N ARG B 183 10.38 -29.22 -6.57
CA ARG B 183 9.61 -28.02 -6.88
C ARG B 183 8.48 -28.34 -7.84
N ARG B 184 7.39 -27.58 -7.72
CA ARG B 184 6.20 -27.82 -8.51
C ARG B 184 5.74 -26.53 -9.16
N MET B 185 4.93 -26.67 -10.21
CA MET B 185 4.49 -25.54 -11.00
C MET B 185 3.22 -24.94 -10.43
N GLY B 186 2.88 -23.75 -10.94
CA GLY B 186 1.61 -23.11 -10.64
C GLY B 186 1.29 -22.13 -11.74
N TYR B 187 0.11 -21.54 -11.65
CA TYR B 187 -0.29 -20.48 -12.56
C TYR B 187 -0.97 -19.37 -11.77
N GLY B 188 -0.53 -18.14 -12.00
CA GLY B 188 -1.15 -17.00 -11.36
C GLY B 188 -2.45 -16.61 -12.02
N VAL B 189 -3.55 -17.22 -11.58
CA VAL B 189 -4.85 -16.94 -12.19
C VAL B 189 -5.21 -15.48 -12.03
N ARG B 190 -4.92 -14.89 -10.87
CA ARG B 190 -5.08 -13.46 -10.65
C ARG B 190 -3.86 -12.92 -9.93
N HIS B 191 -3.26 -11.87 -10.48
CA HIS B 191 -2.20 -11.12 -9.81
C HIS B 191 -2.77 -9.81 -9.30
N ALA B 192 -2.16 -9.29 -8.24
CA ALA B 192 -2.51 -7.95 -7.77
C ALA B 192 -2.28 -6.95 -8.89
N GLY B 193 -3.30 -6.14 -9.18
CA GLY B 193 -3.25 -5.18 -10.25
C GLY B 193 -3.84 -5.66 -11.56
N ASP B 194 -4.08 -6.96 -11.72
CA ASP B 194 -4.63 -7.47 -12.97
C ASP B 194 -5.98 -6.82 -13.26
N ASP B 195 -6.17 -6.44 -14.52
CA ASP B 195 -7.41 -5.83 -14.98
C ASP B 195 -7.78 -4.61 -14.13
N HIS B 196 -6.77 -3.96 -13.55
CA HIS B 196 -6.95 -2.70 -12.83
C HIS B 196 -7.69 -2.89 -11.51
N SER B 197 -7.48 -4.02 -10.85
CA SER B 197 -7.99 -4.26 -9.50
C SER B 197 -6.81 -4.43 -8.56
N MET B 198 -6.87 -3.74 -7.42
CA MET B 198 -5.74 -3.76 -6.50
C MET B 198 -5.47 -5.17 -5.99
N ALA B 199 -6.52 -5.93 -5.67
CA ALA B 199 -6.32 -7.21 -5.02
C ALA B 199 -7.42 -8.19 -5.42
N TYR B 200 -7.13 -9.47 -5.19
CA TYR B 200 -8.05 -10.57 -5.39
C TYR B 200 -7.94 -11.53 -4.21
N ARG B 201 -9.07 -12.05 -3.74
CA ARG B 201 -9.06 -12.88 -2.54
C ARG B 201 -10.21 -13.88 -2.58
N ILE B 202 -10.21 -14.77 -1.60
CA ILE B 202 -11.27 -15.74 -1.31
C ILE B 202 -11.47 -16.67 -2.51
N PRO B 203 -10.53 -17.57 -2.77
CA PRO B 203 -10.66 -18.45 -3.93
C PRO B 203 -11.67 -19.58 -3.72
N GLY B 204 -12.33 -19.94 -4.81
CA GLY B 204 -13.18 -21.12 -4.85
C GLY B 204 -13.01 -21.82 -6.18
N LEU B 205 -13.09 -23.15 -6.15
CA LEU B 205 -12.73 -23.95 -7.30
C LEU B 205 -13.63 -25.18 -7.39
N VAL B 206 -14.17 -25.43 -8.58
CA VAL B 206 -14.98 -26.61 -8.85
C VAL B 206 -14.66 -27.13 -10.24
N THR B 207 -15.03 -28.39 -10.47
CA THR B 207 -14.93 -29.04 -11.77
C THR B 207 -16.32 -29.21 -12.33
N THR B 208 -16.56 -28.65 -13.53
CA THR B 208 -17.87 -28.76 -14.14
C THR B 208 -18.10 -30.18 -14.66
N ASN B 209 -19.35 -30.43 -15.09
CA ASN B 209 -19.67 -31.72 -15.67
C ASN B 209 -18.96 -31.95 -17.01
N SER B 210 -18.54 -30.88 -17.68
CA SER B 210 -17.80 -30.99 -18.94
C SER B 210 -16.30 -31.00 -18.71
N GLY B 211 -15.84 -31.03 -17.46
CA GLY B 211 -14.44 -31.10 -17.15
C GLY B 211 -13.74 -29.77 -17.00
N SER B 212 -14.45 -28.65 -17.16
CA SER B 212 -13.83 -27.35 -17.02
C SER B 212 -13.57 -27.03 -15.56
N LEU B 213 -12.56 -26.20 -15.33
CA LEU B 213 -12.26 -25.68 -14.00
C LEU B 213 -12.86 -24.28 -13.89
N ILE B 214 -13.60 -24.04 -12.82
CA ILE B 214 -14.27 -22.76 -12.58
C ILE B 214 -13.69 -22.18 -11.30
N GLY B 215 -12.93 -21.09 -11.43
CA GLY B 215 -12.34 -20.42 -10.29
C GLY B 215 -13.09 -19.14 -9.99
N THR B 216 -13.50 -18.99 -8.72
CA THR B 216 -14.27 -17.85 -8.25
C THR B 216 -13.45 -17.10 -7.21
N TYR B 217 -13.73 -15.81 -7.04
CA TYR B 217 -12.93 -15.00 -6.12
C TYR B 217 -13.51 -13.61 -5.98
N ASP B 218 -13.08 -12.93 -4.92
CA ASP B 218 -13.36 -11.51 -4.73
C ASP B 218 -12.54 -10.67 -5.71
N VAL B 219 -13.19 -9.65 -6.28
CA VAL B 219 -12.48 -8.64 -7.06
C VAL B 219 -12.44 -7.36 -6.22
N ARG B 220 -11.37 -7.17 -5.45
CA ARG B 220 -11.29 -6.06 -4.50
C ARG B 220 -10.57 -4.90 -5.19
N TRP B 221 -11.37 -4.00 -5.78
CA TRP B 221 -10.84 -3.01 -6.71
C TRP B 221 -9.95 -1.99 -6.01
N ASN B 222 -10.42 -1.42 -4.90
CA ASN B 222 -9.72 -0.29 -4.30
C ASN B 222 -8.58 -0.71 -3.38
N SER B 223 -8.70 -1.86 -2.73
CA SER B 223 -7.66 -2.35 -1.82
C SER B 223 -8.02 -3.77 -1.42
N SER B 224 -7.22 -4.34 -0.53
CA SER B 224 -7.39 -5.71 -0.07
C SER B 224 -8.33 -5.82 1.12
N VAL B 225 -9.02 -4.75 1.50
CA VAL B 225 -9.83 -4.75 2.72
C VAL B 225 -11.16 -5.43 2.46
N ASP B 226 -11.72 -6.00 3.53
CA ASP B 226 -12.98 -6.72 3.44
C ASP B 226 -14.14 -5.76 3.21
N LEU B 227 -15.32 -6.34 2.95
CA LEU B 227 -16.54 -5.55 2.87
C LEU B 227 -16.71 -4.75 4.16
N GLN B 228 -17.30 -3.55 4.07
CA GLN B 228 -17.84 -2.97 2.84
C GLN B 228 -16.75 -2.32 1.99
N GLU B 229 -16.90 -2.44 0.67
CA GLU B 229 -16.04 -1.77 -0.30
C GLU B 229 -16.52 -2.12 -1.70
N ARG B 230 -15.84 -1.60 -2.72
CA ARG B 230 -16.19 -1.91 -4.12
C ARG B 230 -15.62 -3.29 -4.43
N ILE B 231 -16.43 -4.32 -4.22
CA ILE B 231 -16.02 -5.70 -4.45
C ILE B 231 -17.05 -6.37 -5.35
N ASP B 232 -16.56 -7.15 -6.32
CA ASP B 232 -17.40 -7.95 -7.21
C ASP B 232 -16.94 -9.40 -7.15
N ILE B 233 -17.77 -10.28 -7.70
CA ILE B 233 -17.45 -11.70 -7.81
C ILE B 233 -16.92 -11.95 -9.21
N GLY B 234 -15.68 -12.44 -9.30
CA GLY B 234 -15.07 -12.75 -10.58
C GLY B 234 -15.00 -14.24 -10.82
N VAL B 235 -14.88 -14.65 -12.08
CA VAL B 235 -14.81 -16.05 -12.46
C VAL B 235 -13.72 -16.23 -13.50
N SER B 236 -12.81 -17.16 -13.24
CA SER B 236 -11.80 -17.57 -14.21
C SER B 236 -12.08 -19.01 -14.64
N ARG B 237 -12.17 -19.23 -15.94
CA ARG B 237 -12.61 -20.50 -16.50
C ARG B 237 -11.47 -21.10 -17.32
N SER B 238 -11.17 -22.37 -17.05
CA SER B 238 -10.14 -23.11 -17.79
C SER B 238 -10.76 -24.39 -18.36
N THR B 239 -10.46 -24.67 -19.63
CA THR B 239 -10.94 -25.86 -20.30
C THR B 239 -9.84 -26.86 -20.61
N ASP B 240 -8.61 -26.60 -20.15
CA ASP B 240 -7.49 -27.50 -20.39
C ASP B 240 -6.77 -27.85 -19.08
N LYS B 241 -7.53 -27.90 -17.98
CA LYS B 241 -7.02 -28.34 -16.69
C LYS B 241 -6.00 -27.35 -16.12
N GLY B 242 -6.31 -26.05 -16.21
CA GLY B 242 -5.49 -25.02 -15.61
C GLY B 242 -4.31 -24.55 -16.42
N GLN B 243 -3.96 -25.24 -17.51
CA GLN B 243 -2.84 -24.81 -18.33
C GLN B 243 -3.03 -23.39 -18.84
N THR B 244 -4.24 -23.05 -19.27
CA THR B 244 -4.57 -21.70 -19.70
C THR B 244 -5.91 -21.31 -19.10
N TRP B 245 -6.05 -20.03 -18.78
CA TRP B 245 -7.25 -19.51 -18.16
C TRP B 245 -7.84 -18.40 -19.02
N GLU B 246 -9.16 -18.43 -19.18
CA GLU B 246 -9.85 -17.44 -20.00
C GLU B 246 -9.94 -16.11 -19.25
N PRO B 247 -10.09 -15.00 -19.97
CA PRO B 247 -10.14 -13.70 -19.31
C PRO B 247 -11.26 -13.65 -18.26
N MET B 248 -11.03 -12.82 -17.25
CA MET B 248 -11.93 -12.76 -16.11
C MET B 248 -13.33 -12.35 -16.55
N ARG B 249 -14.33 -13.03 -15.99
CA ARG B 249 -15.73 -12.65 -16.12
C ARG B 249 -16.23 -12.15 -14.78
N ILE B 250 -17.10 -11.14 -14.80
CA ILE B 250 -17.75 -10.66 -13.60
C ILE B 250 -19.07 -11.41 -13.46
N ALA B 251 -19.13 -12.32 -12.47
CA ALA B 251 -20.30 -13.16 -12.30
C ALA B 251 -21.40 -12.46 -11.49
N MET B 252 -21.03 -11.55 -10.60
CA MET B 252 -22.01 -10.86 -9.78
C MET B 252 -21.50 -9.47 -9.43
N SER B 253 -22.37 -8.48 -9.55
CA SER B 253 -22.03 -7.11 -9.20
C SER B 253 -23.31 -6.36 -8.86
N PHE B 254 -23.18 -5.36 -7.99
CA PHE B 254 -24.30 -4.52 -7.58
C PHE B 254 -23.90 -3.04 -7.59
N ALA B 255 -22.99 -2.68 -8.49
CA ALA B 255 -22.38 -1.35 -8.46
C ALA B 255 -23.41 -0.24 -8.45
N ASP B 256 -24.46 -0.38 -9.26
CA ASP B 256 -25.34 0.75 -9.58
C ASP B 256 -26.67 0.73 -8.83
N ILE B 257 -26.82 -0.11 -7.81
CA ILE B 257 -28.12 -0.31 -7.19
C ILE B 257 -28.50 0.93 -6.38
N ASP B 258 -29.69 1.45 -6.65
CA ASP B 258 -30.26 2.59 -5.92
C ASP B 258 -29.41 3.84 -6.00
N GLY B 259 -28.52 3.91 -6.99
CA GLY B 259 -27.69 5.09 -7.17
C GLY B 259 -26.64 5.29 -6.10
N LEU B 260 -26.52 4.40 -5.12
CA LEU B 260 -25.45 4.48 -4.14
C LEU B 260 -24.11 4.28 -4.83
N PRO B 261 -23.04 4.82 -4.25
CA PRO B 261 -21.72 4.61 -4.86
C PRO B 261 -21.38 3.13 -4.96
N SER B 262 -20.56 2.81 -5.95
CA SER B 262 -20.16 1.42 -6.17
C SER B 262 -19.48 0.86 -4.93
N GLY B 263 -18.69 1.68 -4.23
CA GLY B 263 -18.01 1.24 -3.03
C GLY B 263 -18.92 0.92 -1.86
N GLN B 264 -20.20 1.30 -1.94
CA GLN B 264 -21.19 0.95 -0.93
C GLN B 264 -22.19 -0.07 -1.47
N ASN B 265 -21.71 -0.97 -2.33
CA ASN B 265 -22.56 -1.99 -2.95
C ASN B 265 -21.78 -3.26 -3.21
N GLY B 266 -20.79 -3.56 -2.38
CA GLY B 266 -19.92 -4.68 -2.63
C GLY B 266 -20.60 -6.02 -2.39
N VAL B 267 -20.07 -7.03 -3.07
CA VAL B 267 -20.47 -8.42 -2.88
C VAL B 267 -19.21 -9.26 -2.83
N GLY B 268 -19.09 -10.12 -1.82
CA GLY B 268 -17.85 -10.83 -1.60
C GLY B 268 -18.00 -12.18 -0.91
N ASP B 269 -16.86 -12.81 -0.60
CA ASP B 269 -16.82 -14.11 0.06
C ASP B 269 -17.65 -15.14 -0.71
N PRO B 270 -17.41 -15.32 -2.01
CA PRO B 270 -18.25 -16.21 -2.79
C PRO B 270 -17.99 -17.68 -2.48
N ALA B 271 -19.03 -18.48 -2.68
CA ALA B 271 -18.94 -19.94 -2.68
C ALA B 271 -19.56 -20.44 -3.97
N VAL B 272 -18.96 -21.46 -4.56
CA VAL B 272 -19.38 -21.97 -5.87
C VAL B 272 -19.57 -23.48 -5.77
N LEU B 273 -20.62 -23.99 -6.40
CA LEU B 273 -20.85 -25.42 -6.50
C LEU B 273 -21.41 -25.75 -7.87
N VAL B 274 -21.36 -27.04 -8.20
CA VAL B 274 -21.93 -27.57 -9.44
C VAL B 274 -23.07 -28.51 -9.06
N ASP B 275 -24.22 -28.32 -9.70
CA ASP B 275 -25.40 -29.11 -9.36
C ASP B 275 -25.20 -30.59 -9.66
N GLU B 276 -24.37 -30.92 -10.65
CA GLU B 276 -23.92 -32.28 -10.89
C GLU B 276 -24.96 -33.11 -11.64
N LYS B 277 -26.22 -33.06 -11.21
CA LYS B 277 -27.27 -33.75 -11.94
C LYS B 277 -27.74 -32.95 -13.16
N THR B 278 -27.68 -31.62 -13.09
CA THR B 278 -28.11 -30.77 -14.18
C THR B 278 -26.96 -30.03 -14.86
N GLY B 279 -25.79 -29.97 -14.23
CA GLY B 279 -24.67 -29.22 -14.75
C GLY B 279 -24.68 -27.74 -14.41
N THR B 280 -25.73 -27.25 -13.76
CA THR B 280 -25.80 -25.84 -13.41
C THR B 280 -24.72 -25.49 -12.39
N ILE B 281 -24.10 -24.33 -12.57
CA ILE B 281 -23.08 -23.82 -11.66
C ILE B 281 -23.70 -22.69 -10.86
N TRP B 282 -23.57 -22.77 -9.54
CA TRP B 282 -24.16 -21.82 -8.61
C TRP B 282 -23.06 -21.09 -7.86
N VAL B 283 -23.17 -19.77 -7.78
CA VAL B 283 -22.29 -18.94 -6.95
C VAL B 283 -23.14 -18.26 -5.90
N MET B 284 -22.77 -18.42 -4.63
CA MET B 284 -23.45 -17.76 -3.53
C MET B 284 -22.50 -16.74 -2.91
N ALA B 285 -23.02 -15.54 -2.65
CA ALA B 285 -22.20 -14.46 -2.14
C ALA B 285 -23.07 -13.52 -1.30
N ALA B 286 -22.41 -12.67 -0.53
CA ALA B 286 -23.07 -11.75 0.38
C ALA B 286 -22.92 -10.33 -0.14
N TRP B 287 -24.05 -9.64 -0.31
CA TRP B 287 -24.10 -8.28 -0.83
C TRP B 287 -24.39 -7.32 0.30
N THR B 288 -23.53 -6.32 0.48
CA THR B 288 -23.69 -5.29 1.50
C THR B 288 -24.05 -3.98 0.84
N HIS B 289 -25.13 -3.36 1.30
CA HIS B 289 -25.67 -2.14 0.72
C HIS B 289 -25.56 -1.02 1.75
N GLY B 290 -24.86 0.06 1.38
CA GLY B 290 -24.65 1.17 2.28
C GLY B 290 -23.42 0.97 3.15
N MET B 291 -23.52 1.29 4.44
CA MET B 291 -22.51 0.96 5.43
C MET B 291 -21.26 1.82 5.34
N GLY B 292 -21.29 2.92 4.59
CA GLY B 292 -20.12 3.76 4.49
C GLY B 292 -18.92 2.99 3.97
N ASN B 293 -17.79 3.13 4.66
CA ASN B 293 -16.57 2.41 4.33
C ASN B 293 -16.10 1.56 5.50
N GLY B 294 -17.04 1.09 6.33
CA GLY B 294 -16.72 0.27 7.47
C GLY B 294 -16.84 -1.21 7.17
N ARG B 295 -16.30 -2.02 8.09
CA ARG B 295 -16.28 -3.47 7.91
C ARG B 295 -17.67 -4.04 8.21
N ALA B 296 -18.14 -4.92 7.32
CA ALA B 296 -19.47 -5.50 7.47
C ALA B 296 -19.54 -6.47 8.64
N TRP B 297 -18.41 -7.04 9.06
CA TRP B 297 -18.44 -8.00 10.15
C TRP B 297 -18.91 -7.36 11.45
N THR B 298 -18.61 -6.08 11.66
CA THR B 298 -19.01 -5.38 12.88
C THR B 298 -20.20 -4.46 12.68
N ASN B 299 -20.46 -4.01 11.45
CA ASN B 299 -21.54 -3.06 11.20
C ASN B 299 -22.85 -3.73 10.78
N SER B 300 -22.82 -5.00 10.40
CA SER B 300 -24.03 -5.69 10.00
C SER B 300 -25.00 -5.77 11.17
N MET B 301 -26.27 -5.52 10.89
CA MET B 301 -27.31 -5.40 11.91
C MET B 301 -28.54 -6.20 11.51
N PRO B 302 -29.42 -6.49 12.46
CA PRO B 302 -30.59 -7.31 12.17
C PRO B 302 -31.54 -6.62 11.19
N GLY B 303 -32.44 -7.43 10.63
CA GLY B 303 -33.40 -7.00 9.64
C GLY B 303 -33.44 -7.98 8.50
N MET B 304 -34.11 -7.58 7.42
CA MET B 304 -34.29 -8.42 6.25
C MET B 304 -33.95 -7.70 4.94
N GLU B 305 -34.23 -6.40 4.85
CA GLU B 305 -34.09 -5.68 3.60
C GLU B 305 -32.62 -5.36 3.31
N PRO B 306 -32.30 -5.06 2.05
CA PRO B 306 -30.91 -4.70 1.72
C PRO B 306 -30.31 -3.63 2.61
N MET B 307 -31.06 -2.55 2.88
CA MET B 307 -30.51 -1.46 3.69
C MET B 307 -30.39 -1.84 5.16
N GLU B 308 -31.13 -2.86 5.62
CA GLU B 308 -31.07 -3.25 7.02
C GLU B 308 -29.93 -4.22 7.29
N THR B 309 -29.73 -5.20 6.41
CA THR B 309 -28.81 -6.30 6.68
C THR B 309 -28.22 -6.79 5.36
N PRO B 310 -27.03 -7.38 5.39
CA PRO B 310 -26.47 -7.95 4.15
C PRO B 310 -27.37 -9.03 3.58
N GLN B 311 -27.37 -9.13 2.25
CA GLN B 311 -28.27 -10.02 1.52
C GLN B 311 -27.52 -11.26 1.03
N LEU B 312 -28.20 -12.40 1.07
CA LEU B 312 -27.67 -13.65 0.57
C LEU B 312 -28.10 -13.79 -0.89
N MET B 313 -27.13 -13.79 -1.81
CA MET B 313 -27.40 -13.68 -3.23
C MET B 313 -26.88 -14.91 -3.97
N LEU B 314 -27.61 -15.28 -5.03
CA LEU B 314 -27.27 -16.43 -5.87
C LEU B 314 -27.24 -16.00 -7.33
N ALA B 315 -26.25 -16.50 -8.06
CA ALA B 315 -26.19 -16.36 -9.51
C ALA B 315 -25.86 -17.73 -10.10
N ARG B 316 -26.47 -18.03 -11.25
CA ARG B 316 -26.35 -19.34 -11.87
C ARG B 316 -25.83 -19.23 -13.29
N SER B 317 -25.07 -20.22 -13.71
CA SER B 317 -24.61 -20.37 -15.08
C SER B 317 -25.03 -21.73 -15.60
N ASP B 318 -25.69 -21.75 -16.75
CA ASP B 318 -26.15 -22.98 -17.38
C ASP B 318 -25.34 -23.34 -18.63
N ASP B 319 -24.28 -22.59 -18.91
CA ASP B 319 -23.43 -22.83 -20.08
C ASP B 319 -21.98 -22.98 -19.66
N ASP B 320 -21.74 -23.75 -18.58
CA ASP B 320 -20.40 -24.13 -18.16
C ASP B 320 -19.59 -22.95 -17.62
N GLY B 321 -20.27 -21.91 -17.13
CA GLY B 321 -19.59 -20.78 -16.52
C GLY B 321 -19.29 -19.61 -17.42
N ARG B 322 -19.78 -19.62 -18.66
CA ARG B 322 -19.47 -18.54 -19.60
C ARG B 322 -20.32 -17.30 -19.32
N THR B 323 -21.62 -17.48 -19.09
CA THR B 323 -22.52 -16.38 -18.79
C THR B 323 -23.24 -16.67 -17.49
N TRP B 324 -23.60 -15.59 -16.77
CA TRP B 324 -24.17 -15.71 -15.45
C TRP B 324 -25.49 -14.94 -15.39
N SER B 325 -26.45 -15.52 -14.68
CA SER B 325 -27.77 -14.93 -14.56
C SER B 325 -27.72 -13.64 -13.74
N GLU B 326 -28.84 -12.93 -13.72
CA GLU B 326 -29.00 -11.84 -12.77
C GLU B 326 -29.09 -12.40 -11.36
N PRO B 327 -28.60 -11.67 -10.36
CA PRO B 327 -28.56 -12.23 -9.00
C PRO B 327 -29.95 -12.55 -8.48
N ILE B 328 -30.03 -13.60 -7.68
CA ILE B 328 -31.28 -14.05 -7.06
C ILE B 328 -31.14 -13.90 -5.56
N ASN B 329 -32.09 -13.23 -4.93
CA ASN B 329 -32.03 -12.89 -3.51
C ASN B 329 -32.84 -13.93 -2.73
N ILE B 330 -32.16 -14.75 -1.94
CA ILE B 330 -32.79 -15.79 -1.14
C ILE B 330 -32.80 -15.44 0.35
N THR B 331 -32.47 -14.18 0.70
CA THR B 331 -32.36 -13.82 2.11
C THR B 331 -33.62 -14.16 2.87
N LYS B 332 -34.79 -13.81 2.31
CA LYS B 332 -36.05 -14.05 3.00
C LYS B 332 -36.39 -15.53 3.10
N GLN B 333 -35.71 -16.39 2.31
CA GLN B 333 -35.99 -17.82 2.38
C GLN B 333 -35.44 -18.45 3.64
N VAL B 334 -34.32 -17.94 4.17
CA VAL B 334 -33.57 -18.68 5.18
C VAL B 334 -33.08 -17.83 6.34
N LYS B 335 -33.05 -16.51 6.18
CA LYS B 335 -32.46 -15.67 7.22
C LYS B 335 -33.45 -15.42 8.35
N ASP B 336 -33.00 -15.66 9.58
CA ASP B 336 -33.75 -15.28 10.76
C ASP B 336 -33.61 -13.78 10.98
N PRO B 337 -34.72 -13.03 11.16
CA PRO B 337 -34.59 -11.57 11.29
C PRO B 337 -33.67 -11.13 12.42
N SER B 338 -33.54 -11.92 13.49
CA SER B 338 -32.75 -11.51 14.64
C SER B 338 -31.24 -11.65 14.41
N TRP B 339 -30.82 -12.27 13.31
CA TRP B 339 -29.41 -12.40 13.01
C TRP B 339 -28.86 -11.08 12.47
N CYS B 340 -27.65 -10.73 12.92
CA CYS B 340 -26.99 -9.54 12.40
C CYS B 340 -26.45 -9.74 11.00
N PHE B 341 -26.04 -10.96 10.66
CA PHE B 341 -25.31 -11.22 9.42
C PHE B 341 -25.48 -12.68 9.06
N LEU B 342 -25.99 -12.95 7.85
CA LEU B 342 -26.04 -14.29 7.30
C LEU B 342 -25.28 -14.29 5.98
N LEU B 343 -24.28 -15.16 5.87
CA LEU B 343 -23.52 -15.29 4.63
C LEU B 343 -23.08 -16.73 4.47
N GLN B 344 -22.79 -17.08 3.22
CA GLN B 344 -22.21 -18.39 2.92
C GLN B 344 -20.81 -18.51 3.51
N GLY B 345 -20.35 -19.74 3.62
CA GLY B 345 -18.96 -20.02 3.93
C GLY B 345 -18.14 -20.06 2.65
N PRO B 346 -17.11 -19.22 2.55
CA PRO B 346 -16.42 -19.10 1.26
C PRO B 346 -15.76 -20.40 0.83
N GLY B 347 -15.57 -20.53 -0.48
CA GLY B 347 -14.94 -21.71 -1.04
C GLY B 347 -15.84 -22.40 -2.04
N ARG B 348 -16.41 -23.55 -1.66
CA ARG B 348 -17.25 -24.30 -2.58
C ARG B 348 -18.34 -25.01 -1.79
N GLY B 349 -19.32 -25.52 -2.55
CA GLY B 349 -20.36 -26.38 -2.01
C GLY B 349 -20.32 -27.74 -2.69
N ILE B 350 -21.34 -28.56 -2.48
CA ILE B 350 -21.36 -29.91 -3.03
C ILE B 350 -22.75 -30.25 -3.54
N THR B 351 -22.79 -31.30 -4.36
CA THR B 351 -24.02 -32.04 -4.63
C THR B 351 -23.94 -33.36 -3.89
N MET B 352 -24.94 -33.65 -3.07
CA MET B 352 -24.96 -34.92 -2.36
C MET B 352 -25.32 -36.04 -3.33
N ARG B 353 -25.01 -37.28 -2.92
CA ARG B 353 -25.26 -38.42 -3.80
C ARG B 353 -26.73 -38.50 -4.19
N ASP B 354 -27.63 -37.99 -3.36
CA ASP B 354 -29.06 -38.00 -3.65
C ASP B 354 -29.52 -36.73 -4.36
N GLY B 355 -28.60 -35.87 -4.79
CA GLY B 355 -28.93 -34.69 -5.54
C GLY B 355 -28.98 -33.40 -4.74
N THR B 356 -29.00 -33.50 -3.40
CA THR B 356 -29.12 -32.31 -2.57
C THR B 356 -27.91 -31.39 -2.76
N LEU B 357 -28.18 -30.12 -3.01
CA LEU B 357 -27.14 -29.10 -3.05
C LEU B 357 -26.90 -28.57 -1.64
N VAL B 358 -25.64 -28.40 -1.27
CA VAL B 358 -25.28 -27.94 0.06
C VAL B 358 -24.16 -26.92 -0.03
N PHE B 359 -24.39 -25.75 0.57
CA PHE B 359 -23.34 -24.79 0.89
C PHE B 359 -23.18 -24.74 2.39
N ALA B 360 -21.98 -24.36 2.84
CA ALA B 360 -21.80 -24.00 4.23
C ALA B 360 -22.21 -22.55 4.43
N ILE B 361 -22.86 -22.26 5.55
CA ILE B 361 -23.25 -20.90 5.90
C ILE B 361 -22.68 -20.57 7.28
N GLN B 362 -22.69 -19.28 7.58
CA GLN B 362 -22.30 -18.77 8.89
C GLN B 362 -23.22 -17.59 9.19
N PHE B 363 -23.65 -17.48 10.45
CA PHE B 363 -24.50 -16.36 10.82
C PHE B 363 -24.08 -15.83 12.19
N ILE B 364 -24.21 -14.52 12.34
CA ILE B 364 -23.94 -13.82 13.59
C ILE B 364 -25.28 -13.62 14.29
N ASP B 365 -25.44 -14.21 15.47
CA ASP B 365 -26.72 -14.14 16.15
C ASP B 365 -26.92 -12.76 16.79
N LYS B 366 -28.02 -12.60 17.51
CA LYS B 366 -28.39 -11.30 18.07
C LYS B 366 -27.38 -10.82 19.11
N ASP B 367 -26.61 -11.72 19.71
CA ASP B 367 -25.57 -11.35 20.65
C ASP B 367 -24.20 -11.23 19.99
N ARG B 368 -24.17 -11.16 18.66
CA ARG B 368 -22.92 -11.08 17.89
C ARG B 368 -22.04 -12.30 18.12
N MET B 369 -22.65 -13.46 18.39
CA MET B 369 -21.92 -14.71 18.46
C MET B 369 -22.06 -15.44 17.12
N PRO B 370 -20.97 -15.77 16.44
CA PRO B 370 -21.10 -16.44 15.15
C PRO B 370 -21.27 -17.94 15.29
N HIS B 371 -22.04 -18.51 14.37
CA HIS B 371 -22.26 -19.95 14.30
C HIS B 371 -22.15 -20.41 12.85
N ALA B 372 -21.53 -21.56 12.65
CA ALA B 372 -21.49 -22.19 11.33
C ALA B 372 -22.63 -23.19 11.18
N GLY B 373 -23.03 -23.42 9.94
CA GLY B 373 -24.07 -24.38 9.64
C GLY B 373 -24.04 -24.73 8.16
N ILE B 374 -25.17 -25.23 7.66
CA ILE B 374 -25.28 -25.57 6.25
C ILE B 374 -26.63 -25.11 5.71
N ILE B 375 -26.63 -24.72 4.44
CA ILE B 375 -27.83 -24.37 3.69
C ILE B 375 -27.96 -25.37 2.54
N PHE B 376 -29.17 -25.86 2.30
CA PHE B 376 -29.36 -26.93 1.34
C PHE B 376 -30.60 -26.67 0.50
N SER B 377 -30.63 -27.32 -0.67
CA SER B 377 -31.78 -27.26 -1.57
C SER B 377 -32.02 -28.65 -2.14
N LYS B 378 -33.29 -29.07 -2.14
CA LYS B 378 -33.68 -30.36 -2.68
C LYS B 378 -34.39 -30.24 -4.03
N ASP B 379 -34.47 -29.03 -4.58
CA ASP B 379 -35.14 -28.79 -5.86
C ASP B 379 -34.21 -28.04 -6.80
N HIS B 380 -32.92 -28.36 -6.75
CA HIS B 380 -31.93 -27.87 -7.72
C HIS B 380 -31.76 -26.36 -7.64
N GLY B 381 -31.94 -25.77 -6.46
CA GLY B 381 -31.60 -24.39 -6.22
C GLY B 381 -32.74 -23.39 -6.29
N GLU B 382 -33.99 -23.84 -6.39
CA GLU B 382 -35.10 -22.92 -6.41
C GLU B 382 -35.44 -22.43 -5.01
N THR B 383 -35.56 -23.35 -4.06
CA THR B 383 -35.80 -23.01 -2.66
C THR B 383 -34.65 -23.57 -1.81
N TRP B 384 -34.32 -22.84 -0.76
CA TRP B 384 -33.23 -23.22 0.13
C TRP B 384 -33.72 -23.23 1.57
N HIS B 385 -32.99 -23.95 2.43
CA HIS B 385 -33.43 -24.16 3.80
C HIS B 385 -32.22 -24.20 4.72
N ILE B 386 -32.41 -23.70 5.94
CA ILE B 386 -31.43 -23.81 7.01
C ILE B 386 -32.14 -24.38 8.22
N HIS B 387 -31.51 -25.34 8.88
CA HIS B 387 -32.07 -25.91 10.10
C HIS B 387 -31.41 -25.32 11.34
N ASN B 388 -30.46 -26.04 11.95
CA ASN B 388 -29.89 -25.61 13.20
C ASN B 388 -28.38 -25.41 13.08
N PRO B 389 -27.81 -24.48 13.84
CA PRO B 389 -26.36 -24.26 13.76
C PRO B 389 -25.60 -25.43 14.35
N ALA B 390 -24.41 -25.67 13.78
CA ALA B 390 -23.57 -26.75 14.28
C ALA B 390 -22.95 -26.38 15.62
N ARG B 391 -22.17 -25.29 15.64
CA ARG B 391 -21.30 -24.99 16.75
C ARG B 391 -21.24 -23.48 16.97
N SER B 392 -21.13 -23.09 18.23
CA SER B 392 -21.01 -21.69 18.58
C SER B 392 -19.57 -21.21 18.40
N ASN B 393 -19.44 -19.90 18.17
CA ASN B 393 -18.13 -19.25 18.01
C ASN B 393 -17.33 -19.87 16.87
N THR B 394 -18.02 -20.32 15.82
CA THR B 394 -17.38 -20.74 14.58
C THR B 394 -17.86 -19.84 13.45
N THR B 395 -17.06 -19.76 12.39
CA THR B 395 -17.38 -18.91 11.26
C THR B 395 -17.29 -19.67 9.94
N GLU B 396 -16.18 -19.51 9.22
CA GLU B 396 -16.05 -20.11 7.89
C GLU B 396 -15.93 -21.61 8.00
N ALA B 397 -16.68 -22.33 7.15
CA ALA B 397 -16.68 -23.79 7.17
C ALA B 397 -16.82 -24.32 5.74
N GLN B 398 -16.48 -25.59 5.59
CA GLN B 398 -16.74 -26.33 4.37
C GLN B 398 -17.38 -27.66 4.75
N VAL B 399 -18.18 -28.21 3.83
CA VAL B 399 -18.95 -29.42 4.09
C VAL B 399 -18.66 -30.42 2.98
N ALA B 400 -18.59 -31.70 3.35
CA ALA B 400 -18.40 -32.79 2.40
C ALA B 400 -19.13 -34.02 2.91
N GLU B 401 -19.48 -34.90 1.97
CA GLU B 401 -20.24 -36.11 2.29
C GLU B 401 -19.26 -37.24 2.52
N VAL B 402 -18.86 -37.43 3.79
CA VAL B 402 -17.91 -38.48 4.15
C VAL B 402 -18.48 -39.85 3.77
N GLU B 403 -19.71 -40.11 4.15
CA GLU B 403 -20.42 -41.35 3.87
C GLU B 403 -21.79 -41.00 3.31
N PRO B 404 -22.46 -41.95 2.65
CA PRO B 404 -23.76 -41.63 2.06
C PRO B 404 -24.72 -41.15 3.14
N GLY B 405 -25.26 -39.94 2.94
CA GLY B 405 -26.16 -39.35 3.89
C GLY B 405 -25.50 -38.67 5.07
N VAL B 406 -24.19 -38.81 5.24
CA VAL B 406 -23.45 -38.21 6.35
C VAL B 406 -22.70 -37.01 5.83
N LEU B 407 -23.04 -35.83 6.33
CA LEU B 407 -22.33 -34.60 6.00
C LEU B 407 -21.32 -34.29 7.10
N MET B 408 -20.10 -33.95 6.70
CA MET B 408 -19.04 -33.55 7.63
C MET B 408 -18.77 -32.06 7.44
N LEU B 409 -18.98 -31.29 8.50
CA LEU B 409 -18.75 -29.85 8.48
C LEU B 409 -17.43 -29.56 9.20
N ASN B 410 -16.48 -28.98 8.47
CA ASN B 410 -15.17 -28.62 8.99
C ASN B 410 -15.12 -27.11 9.13
N MET B 411 -14.88 -26.62 10.35
CA MET B 411 -15.17 -25.25 10.71
C MET B 411 -13.95 -24.51 11.23
N ARG B 412 -13.89 -23.22 10.89
CA ARG B 412 -12.95 -22.29 11.49
C ARG B 412 -13.45 -21.92 12.89
N ASP B 413 -12.63 -22.18 13.90
CA ASP B 413 -13.05 -22.05 15.30
C ASP B 413 -12.29 -20.90 15.94
N ASN B 414 -13.04 -19.94 16.49
CA ASN B 414 -12.42 -18.78 17.13
C ASN B 414 -11.70 -19.13 18.42
N ARG B 415 -11.95 -20.31 18.98
CA ARG B 415 -11.20 -20.74 20.16
C ARG B 415 -9.72 -20.92 19.85
N GLY B 416 -9.37 -21.11 18.59
CA GLY B 416 -7.98 -21.11 18.17
C GLY B 416 -7.33 -22.48 18.22
N GLY B 417 -6.38 -22.69 17.31
CA GLY B 417 -5.49 -23.82 17.38
C GLY B 417 -5.91 -25.04 16.56
N ALA B 418 -7.20 -25.26 16.36
CA ALA B 418 -7.64 -26.52 15.77
C ALA B 418 -8.99 -26.35 15.12
N ARG B 419 -9.19 -27.05 13.99
CA ARG B 419 -10.49 -27.06 13.33
C ARG B 419 -11.52 -27.81 14.15
N ALA B 420 -12.76 -27.34 14.10
CA ALA B 420 -13.90 -28.05 14.67
C ALA B 420 -14.54 -28.92 13.60
N VAL B 421 -14.79 -30.19 13.91
CA VAL B 421 -15.30 -31.15 12.95
C VAL B 421 -16.55 -31.80 13.54
N MET B 422 -17.66 -31.73 12.81
CA MET B 422 -18.92 -32.30 13.26
C MET B 422 -19.65 -32.88 12.06
N THR B 423 -20.59 -33.77 12.34
CA THR B 423 -21.32 -34.49 11.31
C THR B 423 -22.82 -34.43 11.58
N THR B 424 -23.60 -34.52 10.50
CA THR B 424 -25.05 -34.52 10.60
C THR B 424 -25.62 -35.52 9.59
N ARG B 425 -26.69 -36.20 9.99
CA ARG B 425 -27.39 -37.14 9.13
C ARG B 425 -28.79 -36.67 8.77
N ASP B 426 -29.18 -35.48 9.21
CA ASP B 426 -30.51 -34.93 8.95
C ASP B 426 -30.41 -33.50 8.41
N LEU B 427 -29.33 -33.21 7.68
CA LEU B 427 -29.16 -31.92 7.03
C LEU B 427 -29.19 -30.76 8.03
N GLY B 428 -28.53 -30.95 9.17
CA GLY B 428 -28.31 -29.87 10.10
C GLY B 428 -29.30 -29.77 11.25
N ARG B 429 -30.29 -30.66 11.31
CA ARG B 429 -31.23 -30.64 12.43
C ARG B 429 -30.51 -30.93 13.75
N THR B 430 -29.78 -32.04 13.80
CA THR B 430 -28.96 -32.40 14.94
C THR B 430 -27.53 -32.63 14.47
N TRP B 431 -26.58 -32.27 15.32
CA TRP B 431 -25.16 -32.34 14.97
C TRP B 431 -24.42 -33.22 15.97
N THR B 432 -23.45 -33.96 15.46
CA THR B 432 -22.66 -34.89 16.26
C THR B 432 -21.18 -34.51 16.16
N GLU B 433 -20.51 -34.58 17.30
CA GLU B 433 -19.09 -34.25 17.37
C GLU B 433 -18.27 -35.40 16.77
N HIS B 434 -17.40 -35.06 15.82
CA HIS B 434 -16.55 -36.06 15.19
C HIS B 434 -15.31 -36.31 16.05
N VAL B 435 -14.73 -37.50 15.90
CA VAL B 435 -13.59 -37.90 16.72
C VAL B 435 -12.36 -37.04 16.43
N SER B 436 -12.30 -36.40 15.26
CA SER B 436 -11.22 -35.48 14.92
C SER B 436 -11.47 -34.07 15.42
N HIS B 437 -12.55 -33.85 16.16
CA HIS B 437 -12.98 -32.51 16.55
C HIS B 437 -11.96 -31.87 17.48
N ARG B 438 -11.40 -30.74 17.05
CA ARG B 438 -10.56 -29.89 17.90
C ARG B 438 -9.28 -30.59 18.35
N THR B 439 -8.74 -31.48 17.53
CA THR B 439 -7.52 -32.19 17.89
C THR B 439 -6.64 -32.47 16.68
N THR B 440 -7.23 -32.97 15.60
CA THR B 440 -6.48 -33.60 14.53
C THR B 440 -5.98 -32.63 13.48
N LEU B 441 -6.74 -31.57 13.18
CA LEU B 441 -6.38 -30.61 12.13
C LEU B 441 -6.12 -29.26 12.77
N ARG B 442 -4.85 -28.91 12.92
CA ARG B 442 -4.49 -27.61 13.49
C ARG B 442 -4.73 -26.49 12.50
N GLU B 443 -4.92 -25.29 13.01
CA GLU B 443 -5.15 -24.12 12.17
C GLU B 443 -4.74 -22.86 12.93
N PRO B 444 -4.39 -21.79 12.21
CA PRO B 444 -4.17 -20.51 12.87
C PRO B 444 -5.44 -19.66 12.96
N VAL B 445 -6.60 -20.32 12.80
CA VAL B 445 -7.89 -19.65 12.67
C VAL B 445 -7.96 -19.01 11.30
N CYS B 446 -8.27 -19.82 10.28
CA CYS B 446 -8.26 -19.38 8.89
C CYS B 446 -9.22 -20.26 8.11
N MET B 447 -9.57 -19.81 6.90
CA MET B 447 -10.38 -20.62 6.02
C MET B 447 -9.63 -21.89 5.63
N ALA B 448 -10.37 -22.99 5.49
CA ALA B 448 -9.80 -24.26 5.08
C ALA B 448 -10.75 -24.96 4.14
N SER B 449 -10.19 -25.77 3.24
CA SER B 449 -10.96 -26.48 2.23
C SER B 449 -11.04 -27.97 2.57
N LEU B 450 -12.23 -28.53 2.38
CA LEU B 450 -12.45 -29.96 2.58
C LEU B 450 -13.32 -30.47 1.45
N ILE B 451 -12.90 -31.57 0.83
CA ILE B 451 -13.70 -32.25 -0.18
C ILE B 451 -13.61 -33.75 0.03
N ALA B 452 -14.66 -34.45 -0.36
CA ALA B 452 -14.70 -35.91 -0.32
C ALA B 452 -14.72 -36.44 -1.75
N VAL B 453 -13.94 -37.48 -2.00
CA VAL B 453 -13.84 -38.09 -3.32
C VAL B 453 -14.18 -39.57 -3.21
N PRO B 454 -15.32 -40.01 -3.76
CA PRO B 454 -15.67 -41.44 -3.66
C PRO B 454 -14.65 -42.31 -4.38
N ALA B 455 -14.69 -43.60 -4.05
CA ALA B 455 -13.74 -44.55 -4.62
C ALA B 455 -13.86 -44.63 -6.14
N GLU B 456 -15.08 -44.52 -6.66
CA GLU B 456 -15.28 -44.59 -8.11
C GLU B 456 -14.60 -43.45 -8.85
N LYS B 457 -14.22 -42.38 -8.16
CA LYS B 457 -13.79 -41.15 -8.82
C LYS B 457 -12.33 -40.81 -8.57
N ASN B 458 -11.52 -41.75 -8.07
CA ASN B 458 -10.09 -41.48 -7.93
C ASN B 458 -9.31 -42.77 -8.18
N VAL B 459 -8.05 -42.58 -8.61
CA VAL B 459 -7.23 -43.69 -9.08
C VAL B 459 -6.84 -44.64 -7.95
N LEU B 460 -6.97 -44.24 -6.70
CA LEU B 460 -6.64 -45.13 -5.59
C LEU B 460 -7.73 -46.15 -5.33
N GLY B 461 -8.97 -45.87 -5.74
CA GLY B 461 -10.05 -46.81 -5.54
C GLY B 461 -10.59 -46.87 -4.13
N LYS B 462 -10.29 -45.89 -3.29
CA LYS B 462 -10.78 -45.85 -1.92
C LYS B 462 -11.44 -44.51 -1.66
N ASP B 463 -12.46 -44.54 -0.79
CA ASP B 463 -13.08 -43.29 -0.35
C ASP B 463 -12.02 -42.39 0.26
N LEU B 464 -12.01 -41.13 -0.18
CA LEU B 464 -10.88 -40.23 0.07
C LEU B 464 -11.40 -38.89 0.56
N LEU B 465 -10.67 -38.31 1.52
CA LEU B 465 -10.87 -36.93 1.94
C LEU B 465 -9.60 -36.14 1.66
N LEU B 466 -9.78 -34.92 1.17
CA LEU B 466 -8.67 -34.02 0.91
C LEU B 466 -8.93 -32.70 1.62
N PHE B 467 -7.90 -32.16 2.25
CA PHE B 467 -8.01 -31.01 3.12
C PHE B 467 -6.81 -30.10 2.91
N SER B 468 -7.05 -28.80 2.85
CA SER B 468 -5.97 -27.84 2.63
C SER B 468 -6.19 -26.62 3.50
N ASN B 469 -5.11 -26.17 4.14
CA ASN B 469 -5.13 -24.94 4.93
C ASN B 469 -3.70 -24.59 5.30
N PRO B 470 -3.47 -23.46 5.98
CA PRO B 470 -2.13 -23.20 6.52
C PRO B 470 -1.83 -24.15 7.66
N ASP B 471 -0.84 -25.01 7.47
CA ASP B 471 -0.56 -26.10 8.42
C ASP B 471 0.25 -25.57 9.61
N THR B 472 -0.39 -24.69 10.38
CA THR B 472 0.22 -24.11 11.56
C THR B 472 -0.86 -23.83 12.60
N THR B 473 -0.41 -23.48 13.81
CA THR B 473 -1.28 -22.96 14.85
C THR B 473 -1.17 -21.45 15.00
N ASP B 474 -0.17 -20.83 14.39
CA ASP B 474 -0.01 -19.38 14.41
C ASP B 474 0.72 -18.95 13.16
N GLY B 475 0.15 -17.99 12.43
CA GLY B 475 0.74 -17.53 11.20
C GLY B 475 0.21 -18.28 10.00
N ARG B 476 -0.11 -17.55 8.93
CA ARG B 476 -0.66 -18.15 7.70
C ARG B 476 0.49 -18.41 6.74
N ARG B 477 0.99 -19.64 6.78
CA ARG B 477 2.05 -20.09 5.88
C ARG B 477 1.93 -21.60 5.77
N ASP B 478 2.86 -22.20 5.03
CA ASP B 478 2.92 -23.65 4.88
C ASP B 478 1.58 -24.22 4.42
N ILE B 479 1.05 -23.64 3.34
CA ILE B 479 -0.15 -24.19 2.73
C ILE B 479 0.14 -25.64 2.34
N THR B 480 -0.75 -26.54 2.76
CA THR B 480 -0.48 -27.97 2.69
C THR B 480 -1.77 -28.72 2.37
N ILE B 481 -1.69 -29.65 1.41
CA ILE B 481 -2.78 -30.57 1.14
C ILE B 481 -2.61 -31.79 2.02
N LYS B 482 -3.68 -32.21 2.68
CA LYS B 482 -3.69 -33.40 3.52
C LYS B 482 -4.76 -34.36 3.02
N ALA B 483 -4.45 -35.65 3.08
CA ALA B 483 -5.34 -36.69 2.59
C ALA B 483 -5.63 -37.70 3.70
N SER B 484 -6.87 -38.17 3.75
CA SER B 484 -7.28 -39.20 4.70
C SER B 484 -7.96 -40.32 3.93
N LEU B 485 -7.70 -41.55 4.37
CA LEU B 485 -8.31 -42.73 3.77
C LEU B 485 -9.22 -43.48 4.76
N ASP B 486 -9.44 -42.92 5.94
CA ASP B 486 -10.35 -43.51 6.94
C ASP B 486 -11.43 -42.52 7.35
N GLY B 487 -11.88 -41.67 6.42
CA GLY B 487 -12.98 -40.79 6.69
C GLY B 487 -12.67 -39.63 7.61
N GLY B 488 -11.42 -39.19 7.63
CA GLY B 488 -11.03 -38.03 8.43
C GLY B 488 -10.55 -38.36 9.82
N VAL B 489 -10.48 -39.64 10.20
CA VAL B 489 -9.99 -40.02 11.51
C VAL B 489 -8.49 -39.74 11.63
N THR B 490 -7.75 -39.97 10.54
CA THR B 490 -6.31 -39.82 10.54
C THR B 490 -5.87 -39.26 9.20
N TRP B 491 -4.83 -38.42 9.22
CA TRP B 491 -4.35 -37.71 8.04
C TRP B 491 -2.85 -37.97 7.89
N PRO B 492 -2.48 -39.13 7.37
CA PRO B 492 -1.06 -39.51 7.31
C PRO B 492 -0.34 -39.12 6.03
N TYR B 493 -1.02 -38.51 5.06
CA TYR B 493 -0.41 -38.10 3.80
C TYR B 493 -0.56 -36.60 3.65
N SER B 494 0.52 -35.92 3.28
CA SER B 494 0.49 -34.48 3.09
C SER B 494 1.48 -34.08 2.02
N LEU B 495 1.21 -32.93 1.40
CA LEU B 495 2.10 -32.32 0.42
C LEU B 495 2.17 -30.83 0.70
N LEU B 496 3.38 -30.34 0.99
CA LEU B 496 3.59 -28.92 1.25
C LEU B 496 3.72 -28.16 -0.07
N LEU B 497 2.92 -27.11 -0.23
CA LEU B 497 2.88 -26.35 -1.47
C LEU B 497 3.53 -24.97 -1.38
N ASP B 498 3.48 -24.31 -0.23
CA ASP B 498 3.94 -22.93 -0.15
C ASP B 498 4.53 -22.67 1.24
N GLU B 499 5.85 -22.42 1.28
CA GLU B 499 6.51 -22.07 2.53
C GLU B 499 6.12 -20.67 3.00
N GLY B 500 5.97 -19.73 2.07
CA GLY B 500 5.91 -18.33 2.42
C GLY B 500 4.62 -17.93 3.09
N ASP B 501 4.63 -16.70 3.61
CA ASP B 501 3.44 -16.11 4.20
C ASP B 501 2.44 -15.73 3.10
N SER B 502 1.16 -15.80 3.45
CA SER B 502 0.09 -15.48 2.51
C SER B 502 -1.18 -15.19 3.30
N TRP B 503 -2.24 -14.85 2.59
CA TRP B 503 -3.53 -14.58 3.21
C TRP B 503 -4.28 -15.87 3.54
N GLY B 504 -3.90 -17.00 2.93
CA GLY B 504 -4.14 -18.30 3.52
C GLY B 504 -5.33 -19.08 2.98
N TYR B 505 -6.28 -18.43 2.29
CA TYR B 505 -7.48 -19.15 1.86
C TYR B 505 -7.16 -20.08 0.69
N SER B 506 -7.91 -21.18 0.62
CA SER B 506 -7.69 -22.20 -0.40
C SER B 506 -8.99 -22.90 -0.72
N CYS B 507 -8.99 -23.63 -1.84
CA CYS B 507 -10.14 -24.46 -2.21
C CYS B 507 -9.67 -25.57 -3.13
N LEU B 508 -10.15 -26.78 -2.88
CA LEU B 508 -9.73 -27.98 -3.58
C LEU B 508 -10.80 -28.45 -4.54
N THR B 509 -10.36 -29.21 -5.55
CA THR B 509 -11.26 -29.93 -6.44
C THR B 509 -10.48 -31.07 -7.07
N MET B 510 -11.22 -32.08 -7.54
CA MET B 510 -10.65 -33.16 -8.32
C MET B 510 -10.68 -32.74 -9.79
N ILE B 511 -9.51 -32.50 -10.36
CA ILE B 511 -9.42 -32.21 -11.79
C ILE B 511 -9.87 -33.43 -12.58
N ASP B 512 -9.21 -34.56 -12.34
CA ASP B 512 -9.62 -35.84 -12.90
C ASP B 512 -9.30 -36.93 -11.87
N SER B 513 -9.52 -38.18 -12.24
CA SER B 513 -9.41 -39.27 -11.29
C SER B 513 -8.02 -39.38 -10.69
N GLN B 514 -7.00 -38.77 -11.30
CA GLN B 514 -5.63 -38.94 -10.85
C GLN B 514 -4.99 -37.69 -10.28
N THR B 515 -5.61 -36.52 -10.45
CA THR B 515 -4.94 -35.26 -10.14
C THR B 515 -5.85 -34.37 -9.32
N VAL B 516 -5.27 -33.75 -8.29
CA VAL B 516 -5.96 -32.81 -7.42
C VAL B 516 -5.63 -31.39 -7.88
N GLY B 517 -6.62 -30.51 -7.83
CA GLY B 517 -6.42 -29.10 -8.14
C GLY B 517 -6.70 -28.24 -6.92
N ILE B 518 -5.93 -27.17 -6.77
CA ILE B 518 -6.08 -26.27 -5.64
C ILE B 518 -5.97 -24.83 -6.13
N LEU B 519 -6.89 -23.99 -5.68
CA LEU B 519 -6.85 -22.54 -5.93
C LEU B 519 -6.73 -21.86 -4.58
N TYR B 520 -5.63 -21.14 -4.35
CA TYR B 520 -5.39 -20.61 -3.02
C TYR B 520 -4.59 -19.32 -3.09
N GLU B 521 -4.70 -18.53 -2.02
CA GLU B 521 -3.94 -17.31 -1.85
C GLU B 521 -2.55 -17.68 -1.40
N SER B 522 -1.55 -17.44 -2.24
CA SER B 522 -0.19 -17.91 -2.01
C SER B 522 0.76 -16.72 -1.87
N SER B 523 2.03 -17.03 -1.62
CA SER B 523 3.07 -16.04 -1.50
C SER B 523 3.61 -15.57 -2.84
N VAL B 524 3.12 -16.14 -3.95
CA VAL B 524 3.59 -15.74 -5.28
C VAL B 524 2.48 -15.18 -6.15
N ALA B 525 1.22 -15.26 -5.74
CA ALA B 525 0.12 -14.67 -6.48
C ALA B 525 -1.12 -14.66 -5.61
N HIS B 526 -1.94 -13.61 -5.79
CA HIS B 526 -3.16 -13.48 -5.00
C HIS B 526 -4.08 -14.69 -5.18
N ILE B 527 -4.22 -15.17 -6.42
CA ILE B 527 -5.03 -16.34 -6.72
C ILE B 527 -4.13 -17.29 -7.51
N THR B 528 -3.63 -18.32 -6.84
CA THR B 528 -2.67 -19.26 -7.42
C THR B 528 -3.37 -20.59 -7.66
N PHE B 529 -3.16 -21.17 -8.83
CA PHE B 529 -3.63 -22.50 -9.14
C PHE B 529 -2.46 -23.47 -9.20
N GLN B 530 -2.67 -24.66 -8.64
CA GLN B 530 -1.68 -25.72 -8.74
C GLN B 530 -2.40 -27.05 -8.96
N ALA B 531 -1.69 -27.98 -9.58
CA ALA B 531 -2.19 -29.33 -9.81
C ALA B 531 -1.11 -30.31 -9.36
N ALA B 532 -1.53 -31.38 -8.69
CA ALA B 532 -0.62 -32.40 -8.21
C ALA B 532 -1.28 -33.76 -8.31
N LYS B 533 -0.52 -34.74 -8.78
CA LYS B 533 -1.05 -36.10 -8.88
C LYS B 533 -1.44 -36.60 -7.50
N LEU B 534 -2.59 -37.27 -7.44
CA LEU B 534 -3.04 -37.87 -6.19
C LEU B 534 -1.97 -38.79 -5.60
N LYS B 535 -1.24 -39.50 -6.47
CA LYS B 535 -0.23 -40.43 -5.99
C LYS B 535 1.01 -39.71 -5.46
N ALA B 536 1.23 -38.46 -5.85
CA ALA B 536 2.32 -37.68 -5.26
C ALA B 536 1.98 -37.24 -3.84
N ILE B 537 0.70 -37.25 -3.48
CA ILE B 537 0.29 -36.96 -2.11
C ILE B 537 0.24 -38.23 -1.27
N VAL B 538 -0.32 -39.29 -1.84
CA VAL B 538 -0.51 -40.55 -1.13
C VAL B 538 0.51 -41.58 -1.61
#